data_2BW7
#
_entry.id   2BW7
#
_cell.length_a   53.400
_cell.length_b   70.200
_cell.length_c   106.700
_cell.angle_alpha   90.00
_cell.angle_beta   96.00
_cell.angle_gamma   90.00
#
_symmetry.space_group_name_H-M   'P 1 21 1'
#
loop_
_entity.id
_entity.type
_entity.pdbx_description
1 polymer 'ADENYLATE CYCLASE'
2 non-polymer 'DIPHOSPHOMETHYLPHOSPHONIC ACID ADENOSYL ESTER'
3 non-polymer 'MAGNESIUM ION'
4 non-polymer 'CALCIUM ION'
5 non-polymer 2,3,17BETA-TRIHYDROXY-1,3,5(10)-ESTRATRIENE
6 water water
#
_entity_poly.entity_id   1
_entity_poly.type   'polypeptide(L)'
_entity_poly.pdbx_seq_one_letter_code
;MGSSHHHHHHSSGLVPRGSHMRPEPRLITILFSDIVGFTRMSNALQSQGVAELLNEYLGEMTRAVFENQGTVDKFVGDAI
MALYGAPEEMSPSEQVRRAIATARQMLVALEKLNQGWQERGLVGRNEVPPVRFRCGIHQGMAVVGLFGSQERSDFTAIGP
SVNIAARLQEATAPNSIMVSAMVAQYVPDEEIIKREFLELKGIDEPVMTCVINPNMLNQ
;
_entity_poly.pdbx_strand_id   A,B,C,D
#
# COMPACT_ATOMS: atom_id res chain seq x y z
N SER A 19 -13.65 31.52 29.59
CA SER A 19 -14.94 32.10 29.08
C SER A 19 -14.97 32.05 27.56
N HIS A 20 -16.15 31.85 27.00
CA HIS A 20 -16.30 31.79 25.55
C HIS A 20 -17.68 32.29 25.17
N MET A 21 -17.91 32.43 23.87
CA MET A 21 -19.20 32.89 23.39
C MET A 21 -19.98 31.73 22.78
N ARG A 22 -21.22 31.57 23.22
CA ARG A 22 -22.10 30.53 22.71
C ARG A 22 -22.27 30.74 21.22
N PRO A 23 -21.95 29.72 20.40
CA PRO A 23 -22.12 29.88 18.95
C PRO A 23 -23.57 30.27 18.68
N GLU A 24 -23.81 31.01 17.61
CA GLU A 24 -25.18 31.43 17.30
C GLU A 24 -25.41 31.58 15.80
N PRO A 25 -26.68 31.67 15.40
CA PRO A 25 -27.06 31.83 13.99
C PRO A 25 -26.59 33.16 13.42
N ARG A 26 -25.95 33.11 12.25
CA ARG A 26 -25.49 34.31 11.59
C ARG A 26 -25.54 34.15 10.08
N LEU A 27 -25.93 35.20 9.39
CA LEU A 27 -26.00 35.17 7.93
C LEU A 27 -24.57 35.27 7.41
N ILE A 28 -24.12 34.24 6.72
CA ILE A 28 -22.77 34.20 6.19
C ILE A 28 -22.80 33.63 4.79
N THR A 29 -21.69 33.74 4.09
CA THR A 29 -21.59 33.19 2.75
C THR A 29 -20.50 32.14 2.81
N ILE A 30 -20.69 31.04 2.11
CA ILE A 30 -19.71 29.98 2.15
C ILE A 30 -19.22 29.60 0.76
N LEU A 31 -17.90 29.55 0.62
CA LEU A 31 -17.28 29.17 -0.63
C LEU A 31 -16.65 27.81 -0.37
N PHE A 32 -16.99 26.84 -1.21
CA PHE A 32 -16.47 25.48 -1.08
C PHE A 32 -15.75 25.10 -2.37
N SER A 33 -14.43 24.95 -2.32
CA SER A 33 -13.68 24.59 -3.52
C SER A 33 -13.17 23.18 -3.34
N ASP A 34 -13.08 22.45 -4.45
CA ASP A 34 -12.63 21.06 -4.39
C ASP A 34 -11.95 20.60 -5.68
N ILE A 35 -10.71 20.15 -5.56
CA ILE A 35 -9.95 19.68 -6.71
C ILE A 35 -10.65 18.50 -7.37
N VAL A 36 -10.72 18.52 -8.69
CA VAL A 36 -11.35 17.44 -9.44
C VAL A 36 -10.46 16.19 -9.50
N GLY A 37 -10.97 15.09 -8.98
CA GLY A 37 -10.25 13.84 -8.99
C GLY A 37 -8.82 13.86 -8.46
N PHE A 38 -8.64 14.41 -7.27
CA PHE A 38 -7.31 14.48 -6.66
C PHE A 38 -6.78 13.07 -6.43
N THR A 39 -7.66 12.16 -6.03
CA THR A 39 -7.31 10.76 -5.78
C THR A 39 -6.50 10.16 -6.92
N ARG A 40 -7.09 10.20 -8.12
CA ARG A 40 -6.46 9.65 -9.30
C ARG A 40 -5.04 10.12 -9.57
N MET A 41 -4.71 11.35 -9.16
CA MET A 41 -3.36 11.84 -9.37
C MET A 41 -2.51 11.60 -8.13
N SER A 42 -3.17 11.34 -7.01
CA SER A 42 -2.47 11.06 -5.76
C SER A 42 -1.90 9.64 -5.89
N ASN A 43 -2.33 8.96 -6.94
CA ASN A 43 -1.88 7.60 -7.23
C ASN A 43 -0.89 7.66 -8.38
N ALA A 44 -1.19 8.50 -9.36
CA ALA A 44 -0.33 8.68 -10.53
C ALA A 44 0.99 9.32 -10.12
N LEU A 45 0.91 10.37 -9.32
CA LEU A 45 2.11 11.06 -8.85
C LEU A 45 2.65 10.29 -7.66
N GLN A 46 3.63 10.86 -6.96
CA GLN A 46 4.18 10.20 -5.79
C GLN A 46 4.06 11.10 -4.57
N SER A 47 4.08 10.50 -3.39
CA SER A 47 3.96 11.22 -2.13
C SER A 47 4.54 12.63 -2.18
N GLN A 48 5.85 12.73 -2.41
CA GLN A 48 6.51 14.03 -2.47
C GLN A 48 5.85 14.96 -3.48
N GLY A 49 5.51 14.41 -4.64
CA GLY A 49 4.87 15.22 -5.67
C GLY A 49 3.52 15.68 -5.16
N VAL A 50 2.69 14.73 -4.74
CA VAL A 50 1.37 15.02 -4.22
C VAL A 50 1.42 16.07 -3.11
N ALA A 51 2.22 15.80 -2.09
CA ALA A 51 2.36 16.70 -0.96
C ALA A 51 2.73 18.13 -1.39
N GLU A 52 3.72 18.25 -2.26
CA GLU A 52 4.14 19.56 -2.72
C GLU A 52 3.12 20.27 -3.60
N LEU A 53 2.44 19.52 -4.45
CA LEU A 53 1.43 20.11 -5.31
C LEU A 53 0.30 20.65 -4.44
N LEU A 54 -0.05 19.90 -3.41
CA LEU A 54 -1.12 20.30 -2.49
C LEU A 54 -0.74 21.57 -1.74
N ASN A 55 0.43 21.58 -1.12
CA ASN A 55 0.89 22.75 -0.36
C ASN A 55 0.92 24.02 -1.20
N GLU A 56 1.36 23.90 -2.45
CA GLU A 56 1.42 25.07 -3.33
C GLU A 56 0.00 25.51 -3.64
N TYR A 57 -0.86 24.55 -3.93
CA TYR A 57 -2.26 24.81 -4.23
C TYR A 57 -2.91 25.50 -3.03
N LEU A 58 -2.83 24.87 -1.87
CA LEU A 58 -3.41 25.42 -0.65
C LEU A 58 -2.85 26.80 -0.32
N GLY A 59 -1.55 26.98 -0.57
CA GLY A 59 -0.93 28.27 -0.29
C GLY A 59 -1.52 29.36 -1.15
N GLU A 60 -1.64 29.11 -2.45
CA GLU A 60 -2.18 30.09 -3.39
C GLU A 60 -3.67 30.36 -3.16
N MET A 61 -4.47 29.30 -3.01
CA MET A 61 -5.90 29.46 -2.80
C MET A 61 -6.21 30.26 -1.54
N THR A 62 -5.49 29.99 -0.46
CA THR A 62 -5.72 30.71 0.79
C THR A 62 -5.30 32.17 0.65
N ARG A 63 -4.29 32.42 -0.17
CA ARG A 63 -3.83 33.79 -0.40
C ARG A 63 -5.02 34.53 -1.02
N ALA A 64 -5.67 33.87 -1.96
CA ALA A 64 -6.82 34.43 -2.65
C ALA A 64 -7.93 34.77 -1.66
N VAL A 65 -8.24 33.83 -0.77
CA VAL A 65 -9.28 34.05 0.23
C VAL A 65 -8.91 35.23 1.12
N PHE A 66 -7.66 35.23 1.58
CA PHE A 66 -7.17 36.28 2.46
C PHE A 66 -7.20 37.67 1.84
N GLU A 67 -6.83 37.76 0.57
CA GLU A 67 -6.80 39.06 -0.11
C GLU A 67 -8.21 39.64 -0.29
N ASN A 68 -9.22 38.79 -0.15
CA ASN A 68 -10.60 39.24 -0.30
C ASN A 68 -11.33 39.28 1.03
N GLN A 69 -10.58 39.51 2.11
CA GLN A 69 -11.12 39.60 3.46
C GLN A 69 -11.85 38.33 3.91
N GLY A 70 -11.55 37.21 3.28
CA GLY A 70 -12.21 35.97 3.64
C GLY A 70 -11.52 35.23 4.77
N THR A 71 -12.16 34.19 5.27
CA THR A 71 -11.61 33.38 6.35
C THR A 71 -11.61 31.91 5.98
N VAL A 72 -10.43 31.29 5.97
CA VAL A 72 -10.35 29.88 5.65
C VAL A 72 -10.77 29.12 6.90
N ASP A 73 -11.94 28.49 6.85
CA ASP A 73 -12.43 27.73 7.99
C ASP A 73 -11.55 26.52 8.23
N LYS A 74 -11.28 25.77 7.15
CA LYS A 74 -10.44 24.59 7.26
C LYS A 74 -10.18 23.92 5.91
N PHE A 75 -9.20 23.03 5.90
CA PHE A 75 -8.87 22.27 4.70
C PHE A 75 -9.35 20.86 5.00
N VAL A 76 -10.12 20.29 4.09
CA VAL A 76 -10.58 18.92 4.26
C VAL A 76 -9.99 18.20 3.07
N GLY A 77 -8.71 17.83 3.18
CA GLY A 77 -8.05 17.16 2.09
C GLY A 77 -7.70 18.18 1.03
N ASP A 78 -8.23 17.98 -0.17
CA ASP A 78 -7.97 18.90 -1.25
C ASP A 78 -9.12 19.89 -1.39
N ALA A 79 -9.98 19.94 -0.38
CA ALA A 79 -11.13 20.85 -0.37
C ALA A 79 -10.89 22.00 0.58
N ILE A 80 -11.45 23.16 0.23
CA ILE A 80 -11.30 24.35 1.05
C ILE A 80 -12.67 24.93 1.42
N MET A 81 -12.81 25.31 2.68
CA MET A 81 -14.06 25.90 3.15
C MET A 81 -13.73 27.32 3.60
N ALA A 82 -14.23 28.31 2.89
CA ALA A 82 -13.97 29.70 3.25
C ALA A 82 -15.24 30.40 3.72
N LEU A 83 -15.12 31.18 4.78
CA LEU A 83 -16.26 31.90 5.33
C LEU A 83 -16.17 33.39 5.08
N TYR A 84 -17.32 34.01 4.87
CA TYR A 84 -17.40 35.45 4.65
C TYR A 84 -18.53 35.99 5.52
N GLY A 85 -18.15 36.73 6.56
CA GLY A 85 -19.13 37.29 7.48
C GLY A 85 -18.90 36.77 8.88
N ALA A 86 -17.84 35.99 9.04
CA ALA A 86 -17.49 35.41 10.33
C ALA A 86 -15.99 35.09 10.36
N PRO A 87 -15.31 35.45 11.45
CA PRO A 87 -15.83 36.13 12.65
C PRO A 87 -16.14 37.62 12.46
N GLU A 88 -15.45 38.26 11.53
CA GLU A 88 -15.66 39.68 11.27
C GLU A 88 -16.97 39.94 10.54
N GLU A 89 -17.76 40.88 11.04
CA GLU A 89 -19.02 41.22 10.42
C GLU A 89 -18.78 41.76 9.01
N MET A 90 -19.73 41.50 8.12
CA MET A 90 -19.63 41.93 6.74
C MET A 90 -21.04 41.94 6.13
N SER A 91 -21.38 43.00 5.42
CA SER A 91 -22.71 43.10 4.82
C SER A 91 -22.98 41.95 3.85
N PRO A 92 -24.28 41.63 3.66
CA PRO A 92 -24.71 40.55 2.76
C PRO A 92 -24.17 40.66 1.35
N SER A 93 -24.28 41.83 0.73
CA SER A 93 -23.81 42.00 -0.63
C SER A 93 -22.28 41.93 -0.66
N GLU A 94 -21.64 42.46 0.37
CA GLU A 94 -20.19 42.42 0.43
C GLU A 94 -19.67 40.99 0.55
N GLN A 95 -20.36 40.17 1.34
CA GLN A 95 -19.96 38.79 1.53
C GLN A 95 -19.90 38.10 0.17
N VAL A 96 -20.95 38.28 -0.61
CA VAL A 96 -21.02 37.68 -1.94
C VAL A 96 -19.97 38.22 -2.90
N ARG A 97 -19.84 39.54 -2.95
CA ARG A 97 -18.88 40.16 -3.85
C ARG A 97 -17.47 39.61 -3.63
N ARG A 98 -17.12 39.40 -2.36
CA ARG A 98 -15.80 38.88 -2.03
C ARG A 98 -15.66 37.39 -2.26
N ALA A 99 -16.72 36.64 -2.01
CA ALA A 99 -16.69 35.20 -2.22
C ALA A 99 -16.49 34.93 -3.71
N ILE A 100 -17.20 35.69 -4.55
CA ILE A 100 -17.08 35.52 -5.99
C ILE A 100 -15.74 36.02 -6.50
N ALA A 101 -15.28 37.17 -6.00
CA ALA A 101 -13.98 37.70 -6.41
C ALA A 101 -12.92 36.67 -6.05
N THR A 102 -13.09 36.04 -4.90
CA THR A 102 -12.17 35.01 -4.43
C THR A 102 -12.15 33.83 -5.39
N ALA A 103 -13.33 33.31 -5.70
CA ALA A 103 -13.46 32.17 -6.60
C ALA A 103 -12.83 32.46 -7.95
N ARG A 104 -13.12 33.64 -8.49
CA ARG A 104 -12.59 34.05 -9.78
C ARG A 104 -11.08 34.24 -9.72
N GLN A 105 -10.58 34.65 -8.57
CA GLN A 105 -9.14 34.87 -8.41
C GLN A 105 -8.41 33.54 -8.26
N MET A 106 -9.12 32.55 -7.71
CA MET A 106 -8.54 31.22 -7.52
C MET A 106 -8.30 30.56 -8.86
N LEU A 107 -9.22 30.78 -9.80
CA LEU A 107 -9.11 30.22 -11.13
C LEU A 107 -7.93 30.78 -11.89
N VAL A 108 -7.67 32.08 -11.72
CA VAL A 108 -6.53 32.71 -12.40
C VAL A 108 -5.24 32.16 -11.82
N ALA A 109 -5.23 31.94 -10.51
CA ALA A 109 -4.03 31.42 -9.84
C ALA A 109 -3.83 29.94 -10.18
N LEU A 110 -4.91 29.27 -10.57
CA LEU A 110 -4.85 27.85 -10.92
C LEU A 110 -4.08 27.68 -12.22
N GLU A 111 -4.22 28.66 -13.11
CA GLU A 111 -3.54 28.63 -14.39
C GLU A 111 -2.03 28.65 -14.15
N LYS A 112 -1.57 29.65 -13.42
CA LYS A 112 -0.16 29.79 -13.10
C LYS A 112 0.39 28.55 -12.41
N LEU A 113 -0.41 27.98 -11.52
CA LEU A 113 0.01 26.78 -10.79
C LEU A 113 0.21 25.63 -11.77
N ASN A 114 -0.75 25.43 -12.66
CA ASN A 114 -0.65 24.36 -13.65
C ASN A 114 0.56 24.58 -14.54
N GLN A 115 0.70 25.79 -15.06
CA GLN A 115 1.85 26.12 -15.91
C GLN A 115 3.10 25.66 -15.19
N GLY A 116 3.17 25.99 -13.89
CA GLY A 116 4.30 25.61 -13.08
C GLY A 116 4.41 24.12 -12.85
N TRP A 117 3.27 23.46 -12.59
CA TRP A 117 3.28 22.02 -12.36
C TRP A 117 3.53 21.32 -13.68
N GLN A 118 3.25 22.01 -14.77
CA GLN A 118 3.46 21.48 -16.11
C GLN A 118 4.98 21.44 -16.32
N GLU A 119 5.60 22.61 -16.22
CA GLU A 119 7.05 22.76 -16.38
C GLU A 119 7.82 22.07 -15.26
N ARG A 120 7.30 20.96 -14.77
CA ARG A 120 7.96 20.22 -13.70
C ARG A 120 7.58 18.74 -13.78
N GLY A 121 6.56 18.44 -14.56
CA GLY A 121 6.13 17.07 -14.73
C GLY A 121 5.07 16.59 -13.76
N LEU A 122 4.68 17.45 -12.82
CA LEU A 122 3.66 17.08 -11.84
C LEU A 122 2.32 16.84 -12.53
N VAL A 123 2.12 17.47 -13.69
CA VAL A 123 0.90 17.31 -14.46
C VAL A 123 1.23 17.33 -15.95
N GLY A 124 0.21 17.16 -16.78
CA GLY A 124 0.44 17.18 -18.22
C GLY A 124 1.39 16.09 -18.68
N ARG A 125 1.51 15.04 -17.87
CA ARG A 125 2.37 13.92 -18.19
C ARG A 125 2.04 12.72 -17.31
N ASN A 126 1.96 11.54 -17.91
CA ASN A 126 1.66 10.31 -17.20
C ASN A 126 0.16 10.22 -16.89
N GLU A 127 -0.67 10.58 -17.86
CA GLU A 127 -2.12 10.55 -17.70
C GLU A 127 -2.60 11.32 -16.47
N VAL A 128 -1.90 12.39 -16.14
CA VAL A 128 -2.25 13.23 -15.01
C VAL A 128 -2.68 14.58 -15.59
N PRO A 129 -3.98 14.76 -15.82
CA PRO A 129 -4.50 16.02 -16.38
C PRO A 129 -4.22 17.22 -15.49
N PRO A 130 -4.05 18.40 -16.09
CA PRO A 130 -3.78 19.58 -15.26
C PRO A 130 -4.89 19.75 -14.23
N VAL A 131 -4.54 20.27 -13.05
CA VAL A 131 -5.48 20.46 -11.97
C VAL A 131 -6.67 21.34 -12.32
N ARG A 132 -7.84 20.92 -11.85
CA ARG A 132 -9.11 21.63 -12.03
C ARG A 132 -9.86 21.50 -10.71
N PHE A 133 -10.72 22.48 -10.40
CA PHE A 133 -11.47 22.40 -9.16
C PHE A 133 -12.91 22.89 -9.35
N ARG A 134 -13.78 22.49 -8.43
CA ARG A 134 -15.17 22.90 -8.47
C ARG A 134 -15.37 23.89 -7.35
N CYS A 135 -16.24 24.86 -7.56
CA CYS A 135 -16.51 25.86 -6.54
C CYS A 135 -18.00 26.13 -6.36
N GLY A 136 -18.43 26.09 -5.10
CA GLY A 136 -19.81 26.35 -4.79
C GLY A 136 -19.88 27.50 -3.81
N ILE A 137 -20.86 28.37 -3.99
CA ILE A 137 -21.02 29.50 -3.10
C ILE A 137 -22.48 29.61 -2.68
N HIS A 138 -22.68 29.74 -1.38
CA HIS A 138 -24.03 29.85 -0.83
C HIS A 138 -24.09 30.84 0.33
N GLN A 139 -25.22 31.51 0.45
CA GLN A 139 -25.43 32.47 1.53
C GLN A 139 -26.69 32.07 2.29
N GLY A 140 -26.57 31.95 3.60
CA GLY A 140 -27.70 31.58 4.42
C GLY A 140 -27.32 31.59 5.89
N MET A 141 -28.26 31.20 6.74
CA MET A 141 -28.03 31.17 8.18
C MET A 141 -27.26 29.92 8.57
N ALA A 142 -26.42 30.06 9.59
CA ALA A 142 -25.64 28.94 10.09
C ALA A 142 -25.14 29.26 11.49
N VAL A 143 -25.12 28.25 12.35
CA VAL A 143 -24.63 28.45 13.71
C VAL A 143 -23.12 28.61 13.59
N VAL A 144 -22.61 29.76 13.98
CA VAL A 144 -21.19 30.06 13.90
C VAL A 144 -20.57 30.34 15.26
N GLY A 145 -19.33 29.89 15.45
CA GLY A 145 -18.65 30.12 16.72
C GLY A 145 -17.67 29.02 17.06
N LEU A 146 -17.22 28.99 18.31
CA LEU A 146 -16.27 27.98 18.77
C LEU A 146 -16.97 26.71 19.25
N PHE A 147 -16.57 25.58 18.69
CA PHE A 147 -17.14 24.29 19.07
C PHE A 147 -16.03 23.39 19.60
N GLY A 148 -16.40 22.18 19.98
CA GLY A 148 -15.43 21.24 20.51
C GLY A 148 -15.17 21.47 21.99
N SER A 149 -13.89 21.50 22.35
CA SER A 149 -13.49 21.69 23.74
C SER A 149 -12.26 22.57 23.80
N GLN A 150 -12.25 23.45 24.80
CA GLN A 150 -11.20 24.43 25.10
C GLN A 150 -9.75 24.17 24.62
N GLU A 151 -9.58 23.27 23.67
CA GLU A 151 -8.29 22.88 23.11
C GLU A 151 -8.57 22.66 21.63
N ARG A 152 -9.08 21.48 21.33
CA ARG A 152 -9.45 21.15 19.97
C ARG A 152 -10.80 21.79 19.76
N SER A 153 -10.82 23.11 19.89
CA SER A 153 -12.00 23.92 19.71
C SER A 153 -11.61 24.79 18.53
N ASP A 154 -12.54 25.04 17.62
CA ASP A 154 -12.23 25.84 16.46
C ASP A 154 -13.43 26.64 15.99
N PHE A 155 -13.17 27.80 15.39
CA PHE A 155 -14.22 28.65 14.88
C PHE A 155 -14.69 28.03 13.57
N THR A 156 -15.97 27.68 13.51
CA THR A 156 -16.51 27.08 12.30
C THR A 156 -18.01 27.35 12.17
N ALA A 157 -18.58 26.93 11.05
CA ALA A 157 -20.00 27.13 10.80
C ALA A 157 -20.70 25.77 10.73
N ILE A 158 -21.82 25.64 11.44
CA ILE A 158 -22.58 24.39 11.48
C ILE A 158 -23.97 24.59 10.88
N GLY A 159 -24.43 23.64 10.08
CA GLY A 159 -25.76 23.78 9.52
C GLY A 159 -25.99 23.41 8.06
N PRO A 160 -27.27 23.30 7.65
CA PRO A 160 -27.70 22.94 6.30
C PRO A 160 -27.07 23.85 5.24
N SER A 161 -26.99 25.14 5.55
CA SER A 161 -26.40 26.11 4.64
C SER A 161 -25.02 25.64 4.18
N VAL A 162 -24.25 25.11 5.13
CA VAL A 162 -22.92 24.61 4.83
C VAL A 162 -22.99 23.43 3.87
N ASN A 163 -23.91 22.51 4.14
CA ASN A 163 -24.07 21.34 3.30
C ASN A 163 -24.43 21.73 1.88
N ILE A 164 -25.29 22.74 1.74
CA ILE A 164 -25.70 23.21 0.41
C ILE A 164 -24.52 23.68 -0.42
N ALA A 165 -23.60 24.41 0.21
CA ALA A 165 -22.42 24.92 -0.50
C ALA A 165 -21.58 23.78 -1.02
N ALA A 166 -21.35 22.78 -0.16
CA ALA A 166 -20.55 21.63 -0.54
C ALA A 166 -21.16 20.82 -1.68
N ARG A 167 -22.49 20.70 -1.67
CA ARG A 167 -23.19 19.94 -2.70
C ARG A 167 -23.33 20.71 -4.01
N LEU A 168 -23.34 22.04 -3.93
CA LEU A 168 -23.43 22.86 -5.14
C LEU A 168 -22.12 22.65 -5.88
N GLN A 169 -21.05 22.56 -5.10
CA GLN A 169 -19.72 22.36 -5.61
C GLN A 169 -19.65 21.02 -6.35
N GLU A 170 -20.20 19.98 -5.73
CA GLU A 170 -20.19 18.66 -6.33
C GLU A 170 -21.13 18.54 -7.53
N ALA A 171 -21.98 19.54 -7.72
CA ALA A 171 -22.94 19.51 -8.83
C ALA A 171 -22.50 20.33 -10.03
N THR A 172 -21.44 21.12 -9.86
CA THR A 172 -20.97 21.96 -10.96
C THR A 172 -19.80 21.35 -11.73
N ALA A 173 -19.68 21.72 -13.00
CA ALA A 173 -18.62 21.21 -13.86
C ALA A 173 -17.26 21.69 -13.42
N PRO A 174 -16.20 21.00 -13.85
CA PRO A 174 -14.83 21.38 -13.49
C PRO A 174 -14.51 22.83 -13.86
N ASN A 175 -13.79 23.50 -12.98
CA ASN A 175 -13.39 24.89 -13.20
C ASN A 175 -14.55 25.85 -13.41
N SER A 176 -15.70 25.51 -12.83
CA SER A 176 -16.86 26.39 -12.93
C SER A 176 -17.26 26.80 -11.52
N ILE A 177 -18.04 27.87 -11.43
CA ILE A 177 -18.49 28.38 -10.15
C ILE A 177 -20.01 28.35 -10.08
N MET A 178 -20.55 27.50 -9.21
CA MET A 178 -21.99 27.41 -9.07
C MET A 178 -22.43 28.03 -7.75
N VAL A 179 -23.49 28.82 -7.81
CA VAL A 179 -24.01 29.49 -6.64
C VAL A 179 -25.53 29.31 -6.52
N SER A 180 -26.05 29.51 -5.32
CA SER A 180 -27.48 29.39 -5.08
C SER A 180 -28.16 30.71 -5.41
N ALA A 181 -29.48 30.68 -5.53
CA ALA A 181 -30.26 31.87 -5.85
C ALA A 181 -30.02 32.99 -4.84
N MET A 182 -29.71 32.63 -3.60
CA MET A 182 -29.46 33.61 -2.55
C MET A 182 -28.17 34.39 -2.78
N VAL A 183 -27.30 33.84 -3.62
CA VAL A 183 -26.03 34.49 -3.96
C VAL A 183 -26.18 35.26 -5.26
N ALA A 184 -26.82 34.62 -6.24
CA ALA A 184 -27.03 35.19 -7.56
C ALA A 184 -27.81 36.50 -7.56
N GLN A 185 -28.59 36.75 -6.52
CA GLN A 185 -29.36 37.98 -6.45
C GLN A 185 -28.49 39.23 -6.39
N TYR A 186 -27.22 39.07 -6.04
CA TYR A 186 -26.29 40.20 -5.97
C TYR A 186 -25.38 40.18 -7.20
N VAL A 187 -25.59 39.20 -8.07
CA VAL A 187 -24.77 39.06 -9.27
C VAL A 187 -25.48 39.61 -10.51
N PRO A 188 -24.75 40.38 -11.34
CA PRO A 188 -25.34 40.96 -12.54
C PRO A 188 -25.86 39.86 -13.47
N ASP A 189 -26.97 40.14 -14.15
CA ASP A 189 -27.57 39.19 -15.08
C ASP A 189 -26.60 38.72 -16.15
N GLU A 190 -25.81 39.66 -16.67
CA GLU A 190 -24.85 39.37 -17.72
C GLU A 190 -23.77 38.37 -17.34
N GLU A 191 -23.60 38.13 -16.04
CA GLU A 191 -22.58 37.19 -15.59
C GLU A 191 -23.20 35.84 -15.27
N ILE A 192 -24.47 35.67 -15.61
CA ILE A 192 -25.16 34.41 -15.36
C ILE A 192 -25.11 33.55 -16.61
N ILE A 193 -24.44 32.41 -16.51
CA ILE A 193 -24.31 31.50 -17.63
C ILE A 193 -25.47 30.52 -17.74
N LYS A 194 -25.92 30.00 -16.60
CA LYS A 194 -27.02 29.05 -16.61
C LYS A 194 -27.79 28.99 -15.30
N ARG A 195 -29.11 28.97 -15.40
CA ARG A 195 -29.99 28.89 -14.24
C ARG A 195 -30.56 27.47 -14.22
N GLU A 196 -30.49 26.82 -13.06
CA GLU A 196 -31.00 25.45 -12.92
C GLU A 196 -31.71 25.22 -11.60
N PHE A 197 -32.62 24.25 -11.61
CA PHE A 197 -33.38 23.88 -10.43
C PHE A 197 -32.94 22.45 -10.09
N LEU A 198 -31.97 22.33 -9.18
CA LEU A 198 -31.42 21.04 -8.79
C LEU A 198 -31.76 20.52 -7.40
N GLU A 199 -31.76 19.20 -7.29
CA GLU A 199 -32.01 18.51 -6.02
C GLU A 199 -30.65 18.03 -5.53
N LEU A 200 -30.18 18.60 -4.43
CA LEU A 200 -28.87 18.24 -3.88
C LEU A 200 -28.99 17.17 -2.79
N LYS A 201 -28.03 16.25 -2.75
CA LYS A 201 -28.03 15.17 -1.77
C LYS A 201 -28.06 15.65 -0.33
N GLY A 202 -28.75 14.91 0.53
CA GLY A 202 -28.84 15.28 1.93
C GLY A 202 -29.67 16.51 2.16
N ILE A 203 -30.10 17.14 1.06
CA ILE A 203 -30.92 18.34 1.14
C ILE A 203 -32.28 18.01 0.54
N ASP A 204 -33.30 18.02 1.40
CA ASP A 204 -34.66 17.71 0.98
C ASP A 204 -35.25 18.63 -0.08
N GLU A 205 -35.23 19.93 0.17
CA GLU A 205 -35.78 20.89 -0.79
C GLU A 205 -34.82 21.24 -1.92
N PRO A 206 -35.31 21.26 -3.16
CA PRO A 206 -34.49 21.59 -4.33
C PRO A 206 -33.92 22.99 -4.19
N VAL A 207 -32.84 23.26 -4.90
CA VAL A 207 -32.22 24.57 -4.84
C VAL A 207 -32.16 25.22 -6.22
N MET A 208 -32.41 26.53 -6.25
CA MET A 208 -32.35 27.29 -7.49
C MET A 208 -30.88 27.68 -7.62
N THR A 209 -30.23 27.24 -8.68
CA THR A 209 -28.80 27.53 -8.86
C THR A 209 -28.46 28.27 -10.15
N CYS A 210 -27.25 28.81 -10.17
CA CYS A 210 -26.74 29.54 -11.32
C CYS A 210 -25.23 29.38 -11.44
N VAL A 211 -24.78 29.06 -12.64
CA VAL A 211 -23.34 28.93 -12.88
C VAL A 211 -22.97 30.35 -13.31
N ILE A 212 -22.01 30.96 -12.64
CA ILE A 212 -21.60 32.32 -12.97
C ILE A 212 -20.36 32.38 -13.85
N ASN A 213 -20.24 33.47 -14.59
CA ASN A 213 -19.11 33.70 -15.47
C ASN A 213 -17.84 33.77 -14.64
N PRO A 214 -16.81 32.99 -15.02
CA PRO A 214 -15.55 32.99 -14.28
C PRO A 214 -14.76 34.29 -14.52
N ASN A 215 -15.45 35.29 -15.04
CA ASN A 215 -14.87 36.60 -15.33
C ASN A 215 -15.88 37.72 -15.07
N MET A 216 -15.37 38.90 -14.76
CA MET A 216 -16.22 40.06 -14.48
C MET A 216 -16.26 41.00 -15.67
N MET B 21 5.66 17.99 11.60
CA MET B 21 6.22 16.83 10.83
C MET B 21 6.17 17.10 9.32
N ARG B 22 7.28 16.84 8.65
CA ARG B 22 7.39 17.04 7.21
C ARG B 22 6.53 16.02 6.47
N PRO B 23 5.72 16.49 5.49
CA PRO B 23 4.84 15.59 4.72
C PRO B 23 5.61 14.40 4.15
N GLU B 24 5.33 13.21 4.67
CA GLU B 24 6.01 12.00 4.22
C GLU B 24 5.06 10.83 4.02
N PRO B 25 5.49 9.82 3.25
CA PRO B 25 4.66 8.63 2.98
C PRO B 25 4.64 7.77 4.23
N ARG B 26 3.49 7.23 4.58
CA ARG B 26 3.41 6.39 5.77
C ARG B 26 2.14 5.56 5.88
N LEU B 27 2.30 4.33 6.33
CA LEU B 27 1.18 3.41 6.51
C LEU B 27 0.49 3.80 7.80
N ILE B 28 -0.76 4.24 7.70
CA ILE B 28 -1.50 4.63 8.90
C ILE B 28 -2.89 4.03 8.91
N THR B 29 -3.57 4.19 10.04
CA THR B 29 -4.93 3.70 10.21
C THR B 29 -5.81 4.90 10.51
N ILE B 30 -6.84 5.10 9.71
CA ILE B 30 -7.75 6.23 9.87
C ILE B 30 -9.11 5.84 10.43
N LEU B 31 -9.52 6.54 11.47
CA LEU B 31 -10.81 6.28 12.10
C LEU B 31 -11.71 7.48 11.82
N PHE B 32 -12.88 7.20 11.27
CA PHE B 32 -13.86 8.22 10.94
C PHE B 32 -15.18 7.96 11.64
N SER B 33 -15.60 8.89 12.50
CA SER B 33 -16.86 8.75 13.22
C SER B 33 -17.79 9.87 12.79
N ASP B 34 -19.10 9.59 12.84
CA ASP B 34 -20.08 10.57 12.42
C ASP B 34 -21.43 10.30 13.06
N ILE B 35 -22.07 11.36 13.56
CA ILE B 35 -23.38 11.22 14.20
C ILE B 35 -24.44 11.08 13.12
N VAL B 36 -25.40 10.19 13.35
CA VAL B 36 -26.47 9.97 12.39
C VAL B 36 -27.61 10.96 12.55
N GLY B 37 -27.96 11.61 11.45
CA GLY B 37 -29.05 12.58 11.45
C GLY B 37 -28.94 13.72 12.44
N PHE B 38 -27.76 14.34 12.53
CA PHE B 38 -27.56 15.46 13.43
C PHE B 38 -28.46 16.61 13.04
N THR B 39 -28.60 16.83 11.74
CA THR B 39 -29.43 17.91 11.21
C THR B 39 -30.90 17.72 11.56
N ARG B 40 -31.42 16.53 11.32
CA ARG B 40 -32.82 16.23 11.60
C ARG B 40 -33.22 16.64 13.02
N MET B 41 -32.24 16.71 13.92
CA MET B 41 -32.52 17.10 15.29
C MET B 41 -31.94 18.47 15.62
N SER B 42 -31.66 19.27 14.59
CA SER B 42 -31.11 20.60 14.77
C SER B 42 -32.20 21.56 15.25
N ASN B 43 -33.20 21.79 14.42
CA ASN B 43 -34.29 22.68 14.78
C ASN B 43 -35.16 21.95 15.81
N ALA B 44 -34.59 21.74 16.99
CA ALA B 44 -35.25 21.06 18.10
C ALA B 44 -34.32 21.28 19.28
N LEU B 45 -33.03 21.36 18.97
CA LEU B 45 -32.00 21.61 19.98
C LEU B 45 -31.73 23.10 19.93
N GLN B 46 -32.00 23.71 18.78
CA GLN B 46 -31.76 25.12 18.56
C GLN B 46 -30.26 25.33 18.62
N SER B 47 -29.81 26.54 18.29
CA SER B 47 -28.38 26.83 18.30
C SER B 47 -27.75 26.45 19.64
N GLN B 48 -28.48 26.69 20.73
CA GLN B 48 -27.97 26.38 22.05
C GLN B 48 -27.81 24.88 22.31
N GLY B 49 -28.80 24.11 21.89
CA GLY B 49 -28.72 22.67 22.08
C GLY B 49 -27.62 22.06 21.23
N VAL B 50 -27.54 22.50 19.97
CA VAL B 50 -26.51 22.03 19.06
C VAL B 50 -25.13 22.19 19.68
N ALA B 51 -24.87 23.40 20.18
CA ALA B 51 -23.60 23.72 20.81
C ALA B 51 -23.26 22.83 22.00
N GLU B 52 -24.17 22.74 22.96
CA GLU B 52 -23.92 21.94 24.15
C GLU B 52 -23.77 20.46 23.86
N LEU B 53 -24.61 19.91 22.98
CA LEU B 53 -24.53 18.50 22.65
C LEU B 53 -23.20 18.23 21.94
N LEU B 54 -22.92 19.02 20.90
CA LEU B 54 -21.69 18.87 20.15
C LEU B 54 -20.46 18.97 21.05
N ASN B 55 -20.42 19.97 21.92
CA ASN B 55 -19.29 20.14 22.82
C ASN B 55 -19.10 18.95 23.75
N GLU B 56 -20.18 18.46 24.34
CA GLU B 56 -20.10 17.32 25.24
C GLU B 56 -19.67 16.07 24.47
N TYR B 57 -20.34 15.83 23.35
CA TYR B 57 -20.04 14.68 22.49
C TYR B 57 -18.58 14.68 22.06
N LEU B 58 -18.14 15.79 21.47
CA LEU B 58 -16.76 15.92 21.01
C LEU B 58 -15.74 15.68 22.12
N GLY B 59 -16.04 16.21 23.31
CA GLY B 59 -15.14 16.03 24.44
C GLY B 59 -14.91 14.56 24.72
N GLU B 60 -15.99 13.82 24.94
CA GLU B 60 -15.90 12.39 25.23
C GLU B 60 -15.19 11.63 24.11
N MET B 61 -15.65 11.82 22.88
CA MET B 61 -15.07 11.14 21.74
C MET B 61 -13.56 11.40 21.63
N THR B 62 -13.15 12.64 21.81
CA THR B 62 -11.73 12.96 21.73
C THR B 62 -10.98 12.27 22.87
N ARG B 63 -11.66 12.08 24.00
CA ARG B 63 -11.04 11.43 25.14
C ARG B 63 -10.74 9.98 24.75
N ALA B 64 -11.70 9.33 24.10
CA ALA B 64 -11.56 7.95 23.68
C ALA B 64 -10.33 7.79 22.79
N VAL B 65 -10.16 8.72 21.86
CA VAL B 65 -9.02 8.69 20.94
C VAL B 65 -7.73 8.94 21.70
N PHE B 66 -7.79 9.80 22.71
CA PHE B 66 -6.62 10.15 23.49
C PHE B 66 -6.14 8.99 24.37
N GLU B 67 -7.06 8.36 25.09
CA GLU B 67 -6.72 7.26 25.96
C GLU B 67 -6.21 6.04 25.20
N ASN B 68 -6.33 6.09 23.87
CA ASN B 68 -5.87 5.00 23.03
C ASN B 68 -4.73 5.38 22.10
N GLN B 69 -3.95 6.36 22.54
CA GLN B 69 -2.78 6.84 21.80
C GLN B 69 -3.04 7.32 20.37
N GLY B 70 -4.27 7.72 20.08
CA GLY B 70 -4.59 8.19 18.74
C GLY B 70 -4.46 9.69 18.62
N THR B 71 -4.35 10.19 17.39
CA THR B 71 -4.24 11.63 17.15
C THR B 71 -5.48 12.18 16.47
N VAL B 72 -6.13 13.14 17.13
CA VAL B 72 -7.33 13.75 16.57
C VAL B 72 -6.91 14.70 15.46
N ASP B 73 -7.28 14.38 14.22
CA ASP B 73 -6.93 15.20 13.08
C ASP B 73 -7.76 16.47 13.08
N LYS B 74 -9.07 16.31 13.09
CA LYS B 74 -9.99 17.45 13.09
C LYS B 74 -11.44 17.01 13.17
N PHE B 75 -12.31 17.98 13.39
CA PHE B 75 -13.74 17.76 13.44
C PHE B 75 -14.25 18.38 12.15
N VAL B 76 -15.36 17.84 11.64
CA VAL B 76 -15.98 18.35 10.43
C VAL B 76 -17.47 18.24 10.73
N GLY B 77 -17.96 19.19 11.52
CA GLY B 77 -19.34 19.17 11.91
C GLY B 77 -19.47 18.19 13.05
N ASP B 78 -20.28 17.17 12.87
CA ASP B 78 -20.47 16.15 13.90
C ASP B 78 -19.61 14.94 13.56
N ALA B 79 -18.64 15.14 12.67
CA ALA B 79 -17.76 14.05 12.27
C ALA B 79 -16.37 14.23 12.86
N ILE B 80 -15.71 13.13 13.14
CA ILE B 80 -14.37 13.16 13.71
C ILE B 80 -13.41 12.31 12.90
N MET B 81 -12.18 12.78 12.77
CA MET B 81 -11.15 12.04 12.04
C MET B 81 -9.98 11.83 12.99
N ALA B 82 -9.63 10.57 13.21
CA ALA B 82 -8.53 10.23 14.09
C ALA B 82 -7.49 9.45 13.31
N LEU B 83 -6.23 9.56 13.71
CA LEU B 83 -5.13 8.87 13.04
C LEU B 83 -4.37 7.99 14.02
N TYR B 84 -3.86 6.88 13.50
CA TYR B 84 -3.08 5.94 14.30
C TYR B 84 -1.86 5.55 13.48
N GLY B 85 -0.68 5.85 14.03
CA GLY B 85 0.56 5.56 13.32
C GLY B 85 1.25 6.84 12.93
N ALA B 86 0.78 7.94 13.52
CA ALA B 86 1.34 9.26 13.26
C ALA B 86 0.71 10.25 14.23
N PRO B 87 1.50 11.23 14.71
CA PRO B 87 2.91 11.44 14.39
C PRO B 87 3.86 10.34 14.89
N GLU B 88 3.57 9.79 16.07
CA GLU B 88 4.39 8.73 16.65
C GLU B 88 4.23 7.44 15.87
N GLU B 89 5.36 6.79 15.55
CA GLU B 89 5.31 5.53 14.82
C GLU B 89 4.47 4.54 15.62
N MET B 90 3.97 3.51 14.94
CA MET B 90 3.14 2.50 15.58
C MET B 90 3.02 1.35 14.58
N SER B 91 3.16 0.11 15.05
CA SER B 91 3.08 -1.04 14.16
C SER B 91 1.68 -1.18 13.56
N PRO B 92 1.58 -1.80 12.39
CA PRO B 92 0.31 -2.01 11.68
C PRO B 92 -0.76 -2.67 12.55
N SER B 93 -0.39 -3.75 13.24
CA SER B 93 -1.33 -4.45 14.10
C SER B 93 -1.77 -3.58 15.28
N GLU B 94 -0.84 -2.80 15.81
CA GLU B 94 -1.15 -1.91 16.93
C GLU B 94 -2.18 -0.87 16.51
N GLN B 95 -1.95 -0.26 15.35
CA GLN B 95 -2.85 0.75 14.81
C GLN B 95 -4.30 0.30 14.84
N VAL B 96 -4.56 -0.87 14.29
CA VAL B 96 -5.91 -1.42 14.25
C VAL B 96 -6.49 -1.63 15.63
N ARG B 97 -5.71 -2.26 16.51
CA ARG B 97 -6.14 -2.51 17.88
C ARG B 97 -6.57 -1.22 18.56
N ARG B 98 -5.70 -0.22 18.53
CA ARG B 98 -5.97 1.06 19.15
C ARG B 98 -7.20 1.72 18.52
N ALA B 99 -7.30 1.63 17.20
CA ALA B 99 -8.42 2.23 16.47
C ALA B 99 -9.73 1.53 16.82
N ILE B 100 -9.70 0.21 16.85
CA ILE B 100 -10.92 -0.55 17.17
C ILE B 100 -11.31 -0.31 18.63
N ALA B 101 -10.31 -0.25 19.50
CA ALA B 101 -10.56 0.01 20.91
C ALA B 101 -11.22 1.38 21.08
N THR B 102 -10.68 2.37 20.36
CA THR B 102 -11.23 3.72 20.41
C THR B 102 -12.70 3.71 20.02
N ALA B 103 -13.00 3.09 18.89
CA ALA B 103 -14.36 3.00 18.37
C ALA B 103 -15.33 2.35 19.36
N ARG B 104 -14.90 1.26 19.97
CA ARG B 104 -15.73 0.55 20.94
C ARG B 104 -15.97 1.41 22.17
N GLN B 105 -14.92 2.05 22.67
CA GLN B 105 -15.06 2.90 23.85
C GLN B 105 -15.99 4.06 23.54
N MET B 106 -15.98 4.49 22.29
CA MET B 106 -16.84 5.60 21.87
C MET B 106 -18.31 5.25 22.06
N LEU B 107 -18.70 4.03 21.72
CA LEU B 107 -20.09 3.61 21.89
C LEU B 107 -20.44 3.57 23.37
N VAL B 108 -19.52 3.05 24.18
CA VAL B 108 -19.74 2.97 25.61
C VAL B 108 -20.02 4.36 26.16
N ALA B 109 -19.14 5.31 25.83
CA ALA B 109 -19.29 6.69 26.27
C ALA B 109 -20.59 7.27 25.72
N LEU B 110 -20.99 6.78 24.56
CA LEU B 110 -22.23 7.27 23.95
C LEU B 110 -23.43 6.88 24.82
N GLU B 111 -23.33 5.74 25.49
CA GLU B 111 -24.40 5.28 26.37
C GLU B 111 -24.63 6.32 27.45
N LYS B 112 -23.57 6.61 28.19
CA LYS B 112 -23.62 7.57 29.28
C LYS B 112 -24.08 8.95 28.82
N LEU B 113 -23.54 9.42 27.70
CA LEU B 113 -23.93 10.73 27.18
C LEU B 113 -25.44 10.75 26.94
N ASN B 114 -25.94 9.71 26.29
CA ASN B 114 -27.38 9.61 26.03
C ASN B 114 -28.15 9.63 27.35
N GLN B 115 -27.65 8.90 28.34
CA GLN B 115 -28.29 8.86 29.64
C GLN B 115 -28.47 10.29 30.14
N GLY B 116 -27.34 10.95 30.37
CA GLY B 116 -27.38 12.33 30.84
C GLY B 116 -28.31 13.18 30.00
N TRP B 117 -28.14 13.14 28.68
CA TRP B 117 -28.98 13.92 27.79
C TRP B 117 -30.44 13.53 27.96
N GLN B 118 -30.68 12.23 28.16
CA GLN B 118 -32.02 11.71 28.34
C GLN B 118 -32.69 12.47 29.49
N GLU B 119 -32.16 12.29 30.69
CA GLU B 119 -32.71 12.97 31.86
C GLU B 119 -32.24 14.43 31.83
N ARG B 120 -32.66 15.14 30.78
CA ARG B 120 -32.27 16.54 30.64
C ARG B 120 -33.16 17.23 29.59
N GLY B 121 -33.87 16.44 28.80
CA GLY B 121 -34.74 16.98 27.79
C GLY B 121 -34.11 17.13 26.42
N LEU B 122 -32.78 17.24 26.39
CA LEU B 122 -32.06 17.39 25.14
C LEU B 122 -32.45 16.35 24.10
N VAL B 123 -32.27 15.07 24.42
CA VAL B 123 -32.60 13.98 23.51
C VAL B 123 -33.63 13.02 24.10
N GLY B 124 -34.14 12.13 23.26
CA GLY B 124 -35.12 11.14 23.70
C GLY B 124 -36.50 11.72 23.98
N ARG B 125 -36.70 12.97 23.59
CA ARG B 125 -37.96 13.66 23.80
C ARG B 125 -38.91 13.40 22.64
N PRO B 129 -34.96 11.57 18.17
CA PRO B 129 -34.36 10.35 18.71
C PRO B 129 -33.00 10.54 19.41
N PRO B 130 -32.60 9.56 20.23
CA PRO B 130 -31.33 9.60 20.96
C PRO B 130 -30.16 9.49 19.99
N VAL B 131 -29.03 10.08 20.34
CA VAL B 131 -27.88 10.09 19.44
C VAL B 131 -27.21 8.74 19.17
N ARG B 132 -26.93 8.51 17.89
CA ARG B 132 -26.25 7.30 17.43
C ARG B 132 -25.23 7.75 16.40
N PHE B 133 -24.15 6.99 16.22
CA PHE B 133 -23.12 7.36 15.26
C PHE B 133 -22.57 6.17 14.49
N ARG B 134 -21.93 6.45 13.36
CA ARG B 134 -21.32 5.42 12.54
C ARG B 134 -19.81 5.57 12.67
N CYS B 135 -19.07 4.50 12.42
CA CYS B 135 -17.63 4.56 12.52
C CYS B 135 -16.98 3.72 11.43
N GLY B 136 -16.04 4.35 10.71
CA GLY B 136 -15.33 3.66 9.65
C GLY B 136 -13.86 3.61 9.98
N ILE B 137 -13.20 2.53 9.59
CA ILE B 137 -11.78 2.36 9.87
C ILE B 137 -11.04 1.74 8.69
N HIS B 138 -9.99 2.42 8.23
CA HIS B 138 -9.20 1.91 7.13
C HIS B 138 -7.72 2.14 7.38
N GLN B 139 -6.91 1.16 6.96
CA GLN B 139 -5.47 1.25 7.09
C GLN B 139 -4.88 1.22 5.69
N GLY B 140 -3.95 2.13 5.44
CA GLY B 140 -3.31 2.19 4.14
C GLY B 140 -2.31 3.32 4.09
N MET B 141 -1.57 3.41 2.99
CA MET B 141 -0.58 4.45 2.83
C MET B 141 -1.28 5.80 2.71
N ALA B 142 -0.57 6.85 3.08
CA ALA B 142 -1.10 8.19 3.01
C ALA B 142 0.05 9.14 3.29
N VAL B 143 -0.04 10.35 2.75
CA VAL B 143 1.01 11.33 3.00
C VAL B 143 0.62 12.02 4.29
N VAL B 144 1.46 11.88 5.31
CA VAL B 144 1.18 12.45 6.61
C VAL B 144 2.13 13.57 7.02
N GLY B 145 1.56 14.66 7.53
CA GLY B 145 2.36 15.78 7.95
C GLY B 145 1.61 17.10 7.94
N LEU B 146 2.35 18.20 7.96
CA LEU B 146 1.77 19.53 7.97
C LEU B 146 1.51 20.04 6.56
N PHE B 147 0.25 20.35 6.28
CA PHE B 147 -0.15 20.87 4.98
C PHE B 147 -0.80 22.23 5.18
N GLY B 148 -1.10 22.90 4.06
CA GLY B 148 -1.74 24.19 4.14
C GLY B 148 -0.83 25.35 3.74
N SER B 149 -0.68 26.30 4.65
CA SER B 149 0.16 27.46 4.37
C SER B 149 1.16 27.74 5.48
N GLN B 150 2.11 28.60 5.17
CA GLN B 150 3.15 28.99 6.11
C GLN B 150 2.63 30.12 6.98
N GLU B 151 1.36 29.96 7.35
CA GLU B 151 0.63 30.89 8.20
C GLU B 151 -0.35 30.02 8.98
N ARG B 152 -1.19 29.32 8.21
CA ARG B 152 -2.20 28.43 8.74
C ARG B 152 -2.01 27.05 8.10
N SER B 153 -1.42 26.14 8.87
CA SER B 153 -1.17 24.79 8.42
C SER B 153 -1.64 23.83 9.50
N ASP B 154 -1.96 22.61 9.12
CA ASP B 154 -2.43 21.62 10.08
C ASP B 154 -1.93 20.22 9.80
N PHE B 155 -1.74 19.44 10.86
CA PHE B 155 -1.28 18.08 10.76
C PHE B 155 -2.46 17.25 10.26
N THR B 156 -2.29 16.62 9.11
CA THR B 156 -3.36 15.81 8.53
C THR B 156 -2.81 14.75 7.59
N ALA B 157 -3.69 13.92 7.05
CA ALA B 157 -3.29 12.86 6.13
C ALA B 157 -3.94 13.08 4.77
N ILE B 158 -3.21 12.76 3.70
CA ILE B 158 -3.73 12.94 2.34
C ILE B 158 -3.69 11.62 1.57
N GLY B 159 -4.66 11.44 0.67
CA GLY B 159 -4.70 10.22 -0.12
C GLY B 159 -6.06 9.55 -0.11
N PRO B 160 -6.26 8.54 -0.96
CA PRO B 160 -7.53 7.81 -1.06
C PRO B 160 -7.99 7.17 0.26
N SER B 161 -7.03 6.71 1.06
CA SER B 161 -7.33 6.07 2.33
C SER B 161 -8.35 6.79 3.19
N VAL B 162 -8.31 8.12 3.20
CA VAL B 162 -9.25 8.89 3.99
C VAL B 162 -10.67 8.78 3.45
N ASN B 163 -10.80 8.83 2.13
CA ASN B 163 -12.11 8.72 1.50
C ASN B 163 -12.70 7.37 1.90
N ILE B 164 -11.90 6.32 1.74
CA ILE B 164 -12.33 4.97 2.07
C ILE B 164 -12.86 4.87 3.50
N ALA B 165 -12.13 5.44 4.45
CA ALA B 165 -12.53 5.40 5.85
C ALA B 165 -13.87 6.09 6.05
N ALA B 166 -14.01 7.28 5.47
CA ALA B 166 -15.24 8.04 5.58
C ALA B 166 -16.40 7.32 4.90
N ARG B 167 -16.15 6.78 3.71
CA ARG B 167 -17.20 6.09 2.96
C ARG B 167 -17.64 4.86 3.75
N LEU B 168 -16.69 4.13 4.32
CA LEU B 168 -17.03 2.95 5.11
C LEU B 168 -17.95 3.41 6.23
N GLN B 169 -17.65 4.60 6.75
CA GLN B 169 -18.42 5.19 7.83
C GLN B 169 -19.86 5.45 7.44
N GLU B 170 -20.08 5.87 6.20
CA GLU B 170 -21.42 6.18 5.70
C GLU B 170 -22.25 4.96 5.30
N ALA B 171 -21.59 3.84 5.02
CA ALA B 171 -22.31 2.65 4.59
C ALA B 171 -22.71 1.72 5.73
N THR B 172 -22.08 1.87 6.88
CA THR B 172 -22.39 1.01 8.01
C THR B 172 -23.64 1.45 8.76
N ALA B 173 -24.24 0.54 9.52
CA ALA B 173 -25.45 0.85 10.26
C ALA B 173 -25.16 1.68 11.52
N PRO B 174 -26.17 2.40 12.03
CA PRO B 174 -25.96 3.21 13.23
C PRO B 174 -25.42 2.38 14.39
N ASN B 175 -24.51 2.99 15.15
CA ASN B 175 -23.88 2.33 16.28
C ASN B 175 -23.12 1.05 15.91
N SER B 176 -22.52 1.04 14.73
CA SER B 176 -21.75 -0.11 14.28
C SER B 176 -20.40 0.35 13.74
N ILE B 177 -19.43 -0.54 13.76
CA ILE B 177 -18.08 -0.24 13.29
C ILE B 177 -17.79 -1.04 12.02
N MET B 178 -17.47 -0.34 10.93
CA MET B 178 -17.17 -1.00 9.66
C MET B 178 -15.74 -0.70 9.23
N VAL B 179 -15.01 -1.75 8.84
CA VAL B 179 -13.62 -1.61 8.42
C VAL B 179 -13.35 -2.30 7.09
N SER B 180 -12.18 -2.00 6.54
CA SER B 180 -11.75 -2.58 5.28
C SER B 180 -11.05 -3.90 5.55
N ALA B 181 -10.82 -4.68 4.50
CA ALA B 181 -10.15 -5.97 4.64
C ALA B 181 -8.74 -5.80 5.22
N MET B 182 -8.12 -4.65 4.96
CA MET B 182 -6.77 -4.38 5.44
C MET B 182 -6.74 -4.22 6.96
N VAL B 183 -7.88 -3.89 7.55
CA VAL B 183 -7.99 -3.71 8.98
C VAL B 183 -8.43 -5.03 9.62
N ALA B 184 -9.41 -5.66 8.98
CA ALA B 184 -9.96 -6.92 9.47
C ALA B 184 -8.90 -8.03 9.56
N GLN B 185 -7.82 -7.89 8.79
CA GLN B 185 -6.75 -8.89 8.78
C GLN B 185 -6.03 -8.97 10.12
N TYR B 186 -6.36 -8.08 11.04
CA TYR B 186 -5.74 -8.07 12.36
C TYR B 186 -6.77 -8.36 13.44
N VAL B 187 -8.03 -8.41 13.03
CA VAL B 187 -9.12 -8.67 13.97
C VAL B 187 -9.41 -10.16 14.14
N PRO B 188 -9.65 -10.60 15.37
CA PRO B 188 -9.94 -12.02 15.59
C PRO B 188 -11.21 -12.36 14.80
N ASP B 189 -11.10 -13.34 13.91
CA ASP B 189 -12.22 -13.75 13.05
C ASP B 189 -13.60 -13.74 13.70
N GLU B 190 -13.72 -14.33 14.88
CA GLU B 190 -15.01 -14.39 15.56
C GLU B 190 -15.64 -13.03 15.83
N GLU B 191 -14.84 -11.97 15.74
CA GLU B 191 -15.35 -10.63 16.00
C GLU B 191 -15.85 -9.92 14.75
N ILE B 192 -15.89 -10.65 13.64
CA ILE B 192 -16.38 -10.07 12.39
C ILE B 192 -17.86 -10.44 12.27
N ILE B 193 -18.72 -9.43 12.34
CA ILE B 193 -20.17 -9.64 12.26
C ILE B 193 -20.69 -9.79 10.85
N LYS B 194 -20.00 -9.20 9.88
CA LYS B 194 -20.44 -9.31 8.50
C LYS B 194 -19.40 -8.91 7.47
N ARG B 195 -19.34 -9.68 6.40
CA ARG B 195 -18.43 -9.43 5.29
C ARG B 195 -19.29 -9.22 4.06
N GLU B 196 -19.24 -8.02 3.48
CA GLU B 196 -20.03 -7.73 2.30
C GLU B 196 -19.33 -6.75 1.38
N PHE B 197 -19.42 -7.01 0.09
CA PHE B 197 -18.83 -6.13 -0.90
C PHE B 197 -19.82 -5.00 -1.12
N LEU B 198 -19.38 -3.78 -0.86
CA LEU B 198 -20.24 -2.63 -1.01
C LEU B 198 -19.66 -1.57 -1.92
N GLU B 199 -20.54 -0.66 -2.35
CA GLU B 199 -20.16 0.43 -3.22
C GLU B 199 -19.75 1.59 -2.33
N LEU B 200 -18.54 2.10 -2.54
CA LEU B 200 -18.06 3.23 -1.76
C LEU B 200 -17.84 4.34 -2.78
N LYS B 201 -18.61 5.43 -2.64
CA LYS B 201 -18.50 6.56 -3.56
C LYS B 201 -17.06 6.97 -3.79
N GLY B 202 -16.72 7.19 -5.05
CA GLY B 202 -15.36 7.60 -5.39
C GLY B 202 -14.50 6.41 -5.75
N ILE B 203 -14.90 5.23 -5.30
CA ILE B 203 -14.15 4.00 -5.59
C ILE B 203 -14.90 3.23 -6.68
N ASP B 204 -14.30 3.12 -7.86
CA ASP B 204 -14.91 2.43 -8.98
C ASP B 204 -15.29 0.97 -8.70
N GLU B 205 -14.39 0.23 -8.04
CA GLU B 205 -14.63 -1.17 -7.74
C GLU B 205 -15.21 -1.38 -6.34
N PRO B 206 -16.18 -2.29 -6.21
CA PRO B 206 -16.80 -2.58 -4.91
C PRO B 206 -15.72 -2.98 -3.91
N VAL B 207 -15.87 -2.55 -2.66
CA VAL B 207 -14.89 -2.86 -1.63
C VAL B 207 -15.34 -3.87 -0.58
N MET B 208 -14.39 -4.67 -0.11
CA MET B 208 -14.65 -5.66 0.92
C MET B 208 -14.83 -4.92 2.24
N THR B 209 -16.03 -4.96 2.81
CA THR B 209 -16.27 -4.26 4.07
C THR B 209 -16.49 -5.28 5.18
N CYS B 210 -16.04 -4.94 6.38
CA CYS B 210 -16.19 -5.83 7.51
C CYS B 210 -16.76 -5.10 8.72
N VAL B 211 -17.95 -5.52 9.15
CA VAL B 211 -18.59 -4.94 10.31
C VAL B 211 -18.05 -5.74 11.49
N ILE B 212 -17.48 -5.06 12.49
CA ILE B 212 -16.93 -5.77 13.63
C ILE B 212 -17.79 -5.69 14.88
N ASN B 213 -17.69 -6.72 15.70
CA ASN B 213 -18.44 -6.81 16.94
C ASN B 213 -18.15 -5.59 17.82
N PRO B 214 -19.21 -4.87 18.24
CA PRO B 214 -19.01 -3.69 19.09
C PRO B 214 -18.49 -4.08 20.47
N ASN B 215 -18.25 -5.38 20.65
CA ASN B 215 -17.74 -5.92 21.90
C ASN B 215 -16.81 -7.10 21.65
N MET B 216 -16.00 -7.43 22.64
CA MET B 216 -15.06 -8.54 22.52
C MET B 216 -15.79 -9.86 22.30
N MET C 21 5.49 -2.51 -18.92
CA MET C 21 4.70 -1.89 -17.83
C MET C 21 5.60 -1.08 -16.90
N ARG C 22 5.27 0.20 -16.72
CA ARG C 22 6.04 1.07 -15.85
C ARG C 22 5.80 0.69 -14.39
N PRO C 23 6.85 0.24 -13.69
CA PRO C 23 6.74 -0.16 -12.28
C PRO C 23 5.77 0.70 -11.47
N GLU C 24 4.67 0.09 -11.04
CA GLU C 24 3.65 0.79 -10.27
C GLU C 24 3.16 -0.06 -9.11
N PRO C 25 2.61 0.59 -8.08
CA PRO C 25 2.10 -0.14 -6.90
C PRO C 25 0.72 -0.72 -7.20
N ARG C 26 0.53 -1.99 -6.87
CA ARG C 26 -0.74 -2.65 -7.12
C ARG C 26 -1.06 -3.73 -6.10
N LEU C 27 -2.35 -3.94 -5.86
CA LEU C 27 -2.79 -4.95 -4.92
C LEU C 27 -2.82 -6.28 -5.66
N ILE C 28 -1.80 -7.09 -5.46
CA ILE C 28 -1.71 -8.39 -6.11
C ILE C 28 -1.68 -9.51 -5.08
N THR C 29 -1.75 -10.74 -5.57
CA THR C 29 -1.71 -11.92 -4.72
C THR C 29 -0.58 -12.79 -5.25
N ILE C 30 0.34 -13.17 -4.35
CA ILE C 30 1.48 -13.99 -4.72
C ILE C 30 1.37 -15.43 -4.24
N LEU C 31 1.63 -16.38 -5.13
CA LEU C 31 1.57 -17.78 -4.79
C LEU C 31 2.94 -18.43 -4.97
N PHE C 32 3.45 -19.02 -3.90
CA PHE C 32 4.73 -19.70 -3.95
C PHE C 32 4.56 -21.20 -3.76
N SER C 33 5.07 -21.97 -4.72
CA SER C 33 5.02 -23.43 -4.66
C SER C 33 6.47 -23.87 -4.50
N ASP C 34 6.69 -24.99 -3.82
CA ASP C 34 8.05 -25.46 -3.60
C ASP C 34 8.11 -26.92 -3.20
N ILE C 35 8.81 -27.73 -4.00
CA ILE C 35 8.95 -29.15 -3.72
C ILE C 35 9.77 -29.35 -2.44
N VAL C 36 9.27 -30.21 -1.55
CA VAL C 36 9.95 -30.45 -0.29
C VAL C 36 11.16 -31.38 -0.42
N GLY C 37 12.30 -30.92 0.11
CA GLY C 37 13.52 -31.70 0.08
C GLY C 37 13.94 -32.20 -1.28
N PHE C 38 14.05 -31.29 -2.25
CA PHE C 38 14.44 -31.68 -3.60
C PHE C 38 15.91 -32.04 -3.67
N THR C 39 16.74 -31.34 -2.88
CA THR C 39 18.16 -31.62 -2.88
C THR C 39 18.40 -33.05 -2.40
N ARG C 40 17.51 -33.51 -1.51
CA ARG C 40 17.60 -34.85 -0.96
C ARG C 40 17.51 -35.91 -2.03
N MET C 41 16.40 -35.89 -2.77
CA MET C 41 16.20 -36.87 -3.83
C MET C 41 17.03 -36.55 -5.07
N SER C 42 17.88 -35.53 -4.97
CA SER C 42 18.74 -35.17 -6.10
C SER C 42 19.72 -36.31 -6.34
N ASN C 43 20.21 -36.90 -5.25
CA ASN C 43 21.14 -38.03 -5.35
C ASN C 43 20.31 -39.29 -5.26
N ALA C 44 19.61 -39.59 -6.35
CA ALA C 44 18.75 -40.75 -6.46
C ALA C 44 18.09 -40.67 -7.81
N LEU C 45 17.95 -39.43 -8.30
CA LEU C 45 17.34 -39.18 -9.60
C LEU C 45 18.45 -38.92 -10.60
N GLN C 46 19.58 -38.44 -10.11
CA GLN C 46 20.72 -38.13 -10.96
C GLN C 46 20.32 -37.00 -11.90
N SER C 47 21.22 -36.62 -12.81
CA SER C 47 20.94 -35.55 -13.74
C SER C 47 19.66 -35.79 -14.55
N GLN C 48 19.52 -36.99 -15.11
CA GLN C 48 18.34 -37.33 -15.91
C GLN C 48 17.05 -37.41 -15.10
N GLY C 49 17.11 -38.04 -13.93
CA GLY C 49 15.92 -38.14 -13.09
C GLY C 49 15.41 -36.75 -12.74
N VAL C 50 16.34 -35.85 -12.47
CA VAL C 50 15.99 -34.47 -12.13
C VAL C 50 15.25 -33.83 -13.30
N ALA C 51 15.83 -33.92 -14.48
CA ALA C 51 15.25 -33.34 -15.69
C ALA C 51 13.82 -33.80 -15.94
N GLU C 52 13.61 -35.10 -15.99
CA GLU C 52 12.27 -35.63 -16.24
C GLU C 52 11.26 -35.22 -15.18
N LEU C 53 11.54 -35.55 -13.92
CA LEU C 53 10.64 -35.22 -12.83
C LEU C 53 10.31 -33.74 -12.79
N LEU C 54 11.33 -32.89 -12.81
CA LEU C 54 11.12 -31.45 -12.77
C LEU C 54 10.31 -30.94 -13.97
N ASN C 55 10.66 -31.38 -15.17
CA ASN C 55 9.94 -30.96 -16.36
C ASN C 55 8.48 -31.38 -16.35
N GLU C 56 8.22 -32.61 -15.93
CA GLU C 56 6.85 -33.09 -15.87
C GLU C 56 6.13 -32.29 -14.79
N TYR C 57 6.83 -32.13 -13.67
CA TYR C 57 6.30 -31.38 -12.53
C TYR C 57 5.93 -29.97 -12.95
N LEU C 58 6.90 -29.22 -13.46
CA LEU C 58 6.66 -27.85 -13.89
C LEU C 58 5.61 -27.80 -14.99
N GLY C 59 5.49 -28.87 -15.75
CA GLY C 59 4.52 -28.92 -16.82
C GLY C 59 3.10 -28.85 -16.29
N GLU C 60 2.78 -29.73 -15.34
CA GLU C 60 1.45 -29.76 -14.75
C GLU C 60 1.16 -28.57 -13.85
N MET C 61 2.16 -28.15 -13.09
CA MET C 61 2.00 -27.01 -12.18
C MET C 61 1.69 -25.68 -12.87
N THR C 62 2.46 -25.35 -13.91
CA THR C 62 2.23 -24.10 -14.63
C THR C 62 0.88 -24.14 -15.34
N ARG C 63 0.50 -25.31 -15.82
CA ARG C 63 -0.78 -25.46 -16.50
C ARG C 63 -1.91 -25.11 -15.55
N ALA C 64 -1.75 -25.48 -14.28
CA ALA C 64 -2.76 -25.20 -13.26
C ALA C 64 -2.85 -23.69 -13.03
N VAL C 65 -1.73 -23.00 -13.18
CA VAL C 65 -1.70 -21.56 -12.99
C VAL C 65 -2.39 -20.86 -14.16
N PHE C 66 -2.02 -21.25 -15.37
CA PHE C 66 -2.60 -20.67 -16.58
C PHE C 66 -4.11 -20.89 -16.63
N GLU C 67 -4.54 -22.08 -16.23
CA GLU C 67 -5.97 -22.39 -16.23
C GLU C 67 -6.73 -21.66 -15.12
N ASN C 68 -6.01 -20.87 -14.34
CA ASN C 68 -6.63 -20.10 -13.26
C ASN C 68 -6.33 -18.62 -13.44
N GLN C 69 -6.00 -18.24 -14.68
CA GLN C 69 -5.69 -16.87 -15.04
C GLN C 69 -4.46 -16.30 -14.34
N GLY C 70 -3.64 -17.18 -13.77
CA GLY C 70 -2.46 -16.71 -13.08
C GLY C 70 -1.27 -16.54 -14.03
N THR C 71 -0.29 -15.76 -13.59
CA THR C 71 0.91 -15.52 -14.38
C THR C 71 2.10 -16.15 -13.68
N VAL C 72 2.82 -17.01 -14.39
CA VAL C 72 4.01 -17.63 -13.80
C VAL C 72 5.10 -16.57 -13.86
N ASP C 73 5.48 -16.04 -12.69
CA ASP C 73 6.51 -15.03 -12.62
C ASP C 73 7.83 -15.65 -13.08
N LYS C 74 8.26 -16.67 -12.35
CA LYS C 74 9.51 -17.35 -12.66
C LYS C 74 9.62 -18.64 -11.86
N PHE C 75 10.61 -19.45 -12.24
CA PHE C 75 10.89 -20.69 -11.54
C PHE C 75 12.14 -20.40 -10.73
N VAL C 76 12.20 -20.93 -9.51
CA VAL C 76 13.36 -20.74 -8.66
C VAL C 76 13.72 -22.15 -8.22
N GLY C 77 14.60 -22.79 -8.98
CA GLY C 77 14.99 -24.15 -8.68
C GLY C 77 13.75 -25.00 -8.87
N ASP C 78 13.28 -25.61 -7.78
CA ASP C 78 12.09 -26.46 -7.84
C ASP C 78 10.91 -25.71 -7.24
N ALA C 79 10.99 -24.38 -7.25
CA ALA C 79 9.92 -23.55 -6.71
C ALA C 79 9.25 -22.74 -7.80
N ILE C 80 7.97 -22.46 -7.61
CA ILE C 80 7.20 -21.68 -8.57
C ILE C 80 6.65 -20.43 -7.89
N MET C 81 6.62 -19.34 -8.65
CA MET C 81 6.09 -18.07 -8.16
C MET C 81 5.09 -17.54 -9.18
N ALA C 82 3.80 -17.61 -8.84
CA ALA C 82 2.76 -17.14 -9.73
C ALA C 82 2.13 -15.86 -9.20
N LEU C 83 1.69 -14.99 -10.10
CA LEU C 83 1.07 -13.74 -9.71
C LEU C 83 -0.39 -13.63 -10.16
N TYR C 84 -1.22 -13.08 -9.29
CA TYR C 84 -2.63 -12.91 -9.58
C TYR C 84 -2.99 -11.43 -9.39
N GLY C 85 -3.39 -10.79 -10.48
CA GLY C 85 -3.74 -9.38 -10.43
C GLY C 85 -2.69 -8.57 -11.16
N ALA C 86 -1.85 -9.26 -11.92
CA ALA C 86 -0.79 -8.62 -12.69
C ALA C 86 -0.14 -9.62 -13.63
N PRO C 87 0.20 -9.18 -14.85
CA PRO C 87 0.00 -7.81 -15.32
C PRO C 87 -1.46 -7.45 -15.57
N GLU C 88 -2.30 -8.47 -15.82
CA GLU C 88 -3.71 -8.23 -16.07
C GLU C 88 -4.49 -7.99 -14.77
N GLU C 89 -5.45 -7.08 -14.84
CA GLU C 89 -6.28 -6.71 -13.71
C GLU C 89 -7.11 -7.88 -13.17
N MET C 90 -7.34 -7.89 -11.86
CA MET C 90 -8.13 -8.93 -11.22
C MET C 90 -8.61 -8.45 -9.85
N SER C 91 -9.89 -8.63 -9.56
CA SER C 91 -10.46 -8.19 -8.29
C SER C 91 -9.82 -8.95 -7.12
N PRO C 92 -9.66 -8.28 -5.98
CA PRO C 92 -9.06 -8.91 -4.80
C PRO C 92 -9.67 -10.27 -4.47
N SER C 93 -10.99 -10.38 -4.53
CA SER C 93 -11.67 -11.62 -4.23
C SER C 93 -11.32 -12.71 -5.24
N GLU C 94 -11.23 -12.33 -6.51
CA GLU C 94 -10.89 -13.27 -7.57
C GLU C 94 -9.46 -13.77 -7.41
N GLN C 95 -8.54 -12.85 -7.10
CA GLN C 95 -7.14 -13.18 -6.90
C GLN C 95 -6.99 -14.35 -5.92
N VAL C 96 -7.66 -14.23 -4.78
CA VAL C 96 -7.60 -15.28 -3.75
C VAL C 96 -8.26 -16.55 -4.26
N ARG C 97 -9.40 -16.37 -4.92
CA ARG C 97 -10.17 -17.47 -5.50
C ARG C 97 -9.30 -18.30 -6.43
N ARG C 98 -8.77 -17.65 -7.47
CA ARG C 98 -7.93 -18.32 -8.46
C ARG C 98 -6.66 -18.93 -7.84
N ALA C 99 -6.02 -18.17 -6.95
CA ALA C 99 -4.80 -18.65 -6.30
C ALA C 99 -5.04 -19.92 -5.51
N ILE C 100 -6.14 -19.95 -4.76
CA ILE C 100 -6.47 -21.13 -3.97
C ILE C 100 -6.86 -22.29 -4.88
N ALA C 101 -7.51 -21.97 -6.00
CA ALA C 101 -7.91 -23.00 -6.93
C ALA C 101 -6.65 -23.64 -7.51
N THR C 102 -5.69 -22.79 -7.88
CA THR C 102 -4.42 -23.25 -8.45
C THR C 102 -3.74 -24.23 -7.50
N ALA C 103 -3.63 -23.85 -6.23
CA ALA C 103 -3.00 -24.70 -5.22
C ALA C 103 -3.66 -26.07 -5.14
N ARG C 104 -4.99 -26.08 -5.10
CA ARG C 104 -5.74 -27.34 -5.02
C ARG C 104 -5.62 -28.14 -6.31
N GLN C 105 -5.53 -27.44 -7.44
CA GLN C 105 -5.39 -28.10 -8.72
C GLN C 105 -3.99 -28.68 -8.84
N MET C 106 -3.02 -28.03 -8.18
CA MET C 106 -1.64 -28.50 -8.19
C MET C 106 -1.58 -29.79 -7.37
N LEU C 107 -2.24 -29.80 -6.21
CA LEU C 107 -2.27 -30.98 -5.36
C LEU C 107 -2.83 -32.17 -6.11
N VAL C 108 -3.96 -31.97 -6.80
CA VAL C 108 -4.59 -33.03 -7.57
C VAL C 108 -3.62 -33.59 -8.61
N ALA C 109 -2.99 -32.70 -9.37
CA ALA C 109 -2.04 -33.09 -10.40
C ALA C 109 -0.81 -33.78 -9.81
N LEU C 110 -0.47 -33.43 -8.56
CA LEU C 110 0.67 -34.02 -7.89
C LEU C 110 0.34 -35.47 -7.53
N GLU C 111 -0.93 -35.70 -7.25
CA GLU C 111 -1.42 -37.03 -6.90
C GLU C 111 -1.25 -37.93 -8.13
N LYS C 112 -1.64 -37.40 -9.29
CA LYS C 112 -1.54 -38.13 -10.54
C LYS C 112 -0.08 -38.38 -10.92
N LEU C 113 0.73 -37.33 -10.84
CA LEU C 113 2.15 -37.44 -11.16
C LEU C 113 2.84 -38.53 -10.35
N ASN C 114 2.69 -38.47 -9.02
CA ASN C 114 3.30 -39.47 -8.15
C ASN C 114 2.88 -40.88 -8.55
N GLN C 115 1.66 -41.01 -9.05
CA GLN C 115 1.16 -42.31 -9.48
C GLN C 115 2.08 -42.85 -10.58
N GLY C 116 2.16 -42.09 -11.67
CA GLY C 116 3.01 -42.48 -12.78
C GLY C 116 4.44 -42.70 -12.35
N TRP C 117 4.98 -41.79 -11.55
CA TRP C 117 6.36 -41.91 -11.08
C TRP C 117 6.53 -43.16 -10.22
N GLN C 118 5.53 -43.44 -9.39
CA GLN C 118 5.57 -44.61 -8.53
C GLN C 118 5.78 -45.85 -9.39
N GLU C 119 4.98 -45.97 -10.42
CA GLU C 119 5.05 -47.10 -11.34
C GLU C 119 6.38 -47.18 -12.07
N ARG C 120 6.89 -46.04 -12.53
CA ARG C 120 8.17 -46.01 -13.23
C ARG C 120 9.29 -46.52 -12.34
N GLY C 121 9.13 -46.32 -11.03
CA GLY C 121 10.15 -46.75 -10.10
C GLY C 121 10.93 -45.56 -9.58
N LEU C 122 10.56 -44.37 -10.04
CA LEU C 122 11.21 -43.14 -9.62
C LEU C 122 10.98 -42.86 -8.13
N VAL C 123 9.75 -42.46 -7.81
CA VAL C 123 9.40 -42.13 -6.44
C VAL C 123 8.71 -43.27 -5.69
N GLY C 124 8.45 -43.03 -4.41
CA GLY C 124 7.78 -44.01 -3.57
C GLY C 124 8.49 -45.33 -3.36
N ARG C 125 9.82 -45.33 -3.35
CA ARG C 125 10.58 -46.56 -3.14
C ARG C 125 12.02 -46.33 -2.71
N ASN C 126 12.33 -46.80 -1.51
CA ASN C 126 13.65 -46.67 -0.87
C ASN C 126 14.28 -45.28 -0.80
N GLU C 127 13.98 -44.54 0.26
CA GLU C 127 14.57 -43.22 0.46
C GLU C 127 14.05 -42.10 -0.44
N VAL C 128 13.39 -42.45 -1.54
CA VAL C 128 12.86 -41.45 -2.45
C VAL C 128 11.34 -41.53 -2.36
N PRO C 129 10.76 -40.84 -1.38
CA PRO C 129 9.32 -40.83 -1.17
C PRO C 129 8.60 -40.00 -2.22
N PRO C 130 7.27 -40.06 -2.25
CA PRO C 130 6.50 -39.30 -3.24
C PRO C 130 6.76 -37.80 -3.12
N VAL C 131 6.74 -37.11 -4.26
CA VAL C 131 6.96 -35.68 -4.30
C VAL C 131 5.86 -34.92 -3.56
N ARG C 132 6.28 -34.03 -2.67
CA ARG C 132 5.34 -33.22 -1.89
C ARG C 132 5.79 -31.77 -1.98
N PHE C 133 4.86 -30.83 -1.89
CA PHE C 133 5.22 -29.43 -1.97
C PHE C 133 4.53 -28.54 -0.95
N ARG C 134 5.19 -27.44 -0.62
CA ARG C 134 4.67 -26.46 0.32
C ARG C 134 4.14 -25.29 -0.50
N CYS C 135 2.95 -24.81 -0.15
CA CYS C 135 2.39 -23.69 -0.88
C CYS C 135 2.01 -22.53 0.03
N GLY C 136 2.45 -21.34 -0.34
CA GLY C 136 2.16 -20.16 0.44
C GLY C 136 1.44 -19.15 -0.43
N ILE C 137 0.49 -18.44 0.16
CA ILE C 137 -0.27 -17.44 -0.58
C ILE C 137 -0.55 -16.19 0.26
N HIS C 138 -0.16 -15.05 -0.28
CA HIS C 138 -0.38 -13.78 0.40
C HIS C 138 -0.90 -12.76 -0.60
N GLN C 139 -1.58 -11.74 -0.10
CA GLN C 139 -2.11 -10.68 -0.94
C GLN C 139 -1.78 -9.34 -0.30
N GLY C 140 -1.19 -8.45 -1.07
CA GLY C 140 -0.83 -7.14 -0.55
C GLY C 140 -0.29 -6.23 -1.63
N MET C 141 0.04 -5.00 -1.24
CA MET C 141 0.58 -4.03 -2.19
C MET C 141 1.99 -4.46 -2.59
N ALA C 142 2.32 -4.22 -3.85
CA ALA C 142 3.64 -4.58 -4.36
C ALA C 142 3.92 -3.84 -5.66
N VAL C 143 5.14 -3.35 -5.81
CA VAL C 143 5.50 -2.63 -7.02
C VAL C 143 5.73 -3.67 -8.12
N VAL C 144 4.89 -3.61 -9.15
CA VAL C 144 4.98 -4.56 -10.24
C VAL C 144 5.37 -3.89 -11.55
N GLY C 145 6.06 -4.62 -12.41
CA GLY C 145 6.49 -4.08 -13.69
C GLY C 145 7.75 -4.73 -14.21
N LEU C 146 8.49 -4.01 -15.05
CA LEU C 146 9.73 -4.53 -15.61
C LEU C 146 10.95 -4.00 -14.86
N PHE C 147 11.65 -4.89 -14.17
CA PHE C 147 12.84 -4.51 -13.42
C PHE C 147 14.07 -5.11 -14.08
N GLY C 148 15.16 -4.37 -14.04
CA GLY C 148 16.41 -4.83 -14.63
C GLY C 148 17.17 -3.73 -15.32
N SER C 149 17.97 -4.10 -16.32
CA SER C 149 18.75 -3.12 -17.05
C SER C 149 18.18 -2.94 -18.45
N GLN C 150 18.86 -2.13 -19.27
CA GLN C 150 18.41 -1.89 -20.63
C GLN C 150 18.80 -3.07 -21.50
N GLU C 151 19.48 -4.03 -20.88
CA GLU C 151 19.92 -5.25 -21.56
C GLU C 151 19.01 -6.41 -21.15
N ARG C 152 19.09 -6.77 -19.87
CA ARG C 152 18.28 -7.86 -19.32
C ARG C 152 17.24 -7.35 -18.34
N SER C 153 15.97 -7.60 -18.65
CA SER C 153 14.86 -7.18 -17.80
C SER C 153 13.75 -8.21 -17.80
N ASP C 154 12.97 -8.25 -16.72
CA ASP C 154 11.87 -9.20 -16.61
C ASP C 154 10.72 -8.65 -15.78
N PHE C 155 9.53 -9.21 -15.97
CA PHE C 155 8.34 -8.79 -15.25
C PHE C 155 8.25 -9.51 -13.90
N THR C 156 8.08 -8.74 -12.83
CA THR C 156 7.98 -9.32 -11.50
C THR C 156 7.35 -8.37 -10.48
N ALA C 157 7.17 -8.86 -9.25
CA ALA C 157 6.59 -8.06 -8.18
C ALA C 157 7.66 -7.86 -7.10
N ILE C 158 7.71 -6.67 -6.52
CA ILE C 158 8.71 -6.38 -5.51
C ILE C 158 8.19 -5.69 -4.25
N GLY C 159 8.71 -6.13 -3.10
CA GLY C 159 8.30 -5.54 -1.83
C GLY C 159 8.03 -6.58 -0.76
N PRO C 160 7.68 -6.14 0.45
CA PRO C 160 7.39 -7.01 1.59
C PRO C 160 6.37 -8.13 1.29
N SER C 161 5.33 -7.80 0.53
CA SER C 161 4.30 -8.77 0.18
C SER C 161 4.87 -10.05 -0.41
N VAL C 162 5.81 -9.93 -1.33
CA VAL C 162 6.42 -11.09 -1.96
C VAL C 162 7.09 -11.96 -0.91
N ASN C 163 7.83 -11.31 0.00
CA ASN C 163 8.53 -12.01 1.07
C ASN C 163 7.59 -12.85 1.92
N ILE C 164 6.58 -12.20 2.48
CA ILE C 164 5.61 -12.88 3.33
C ILE C 164 5.05 -14.12 2.65
N ALA C 165 4.78 -14.01 1.35
CA ALA C 165 4.24 -15.14 0.60
C ALA C 165 5.27 -16.27 0.61
N ALA C 166 6.52 -15.93 0.29
CA ALA C 166 7.60 -16.90 0.25
C ALA C 166 7.84 -17.55 1.61
N ARG C 167 7.87 -16.73 2.65
CA ARG C 167 8.10 -17.21 4.00
C ARG C 167 6.93 -18.02 4.55
N LEU C 168 5.73 -17.74 4.06
CA LEU C 168 4.55 -18.48 4.49
C LEU C 168 4.70 -19.91 3.98
N GLN C 169 5.14 -20.02 2.74
CA GLN C 169 5.34 -21.29 2.07
C GLN C 169 6.40 -22.14 2.78
N GLU C 170 7.49 -21.50 3.19
CA GLU C 170 8.56 -22.21 3.86
C GLU C 170 8.18 -22.67 5.27
N ALA C 171 7.13 -22.05 5.82
CA ALA C 171 6.69 -22.38 7.17
C ALA C 171 5.54 -23.38 7.26
N THR C 172 4.88 -23.66 6.15
CA THR C 172 3.75 -24.60 6.17
C THR C 172 4.19 -26.05 6.03
N ALA C 173 3.37 -26.96 6.55
CA ALA C 173 3.68 -28.38 6.48
C ALA C 173 3.67 -28.85 5.03
N PRO C 174 4.35 -29.96 4.73
CA PRO C 174 4.40 -30.47 3.35
C PRO C 174 3.01 -30.89 2.87
N ASN C 175 2.68 -30.49 1.63
CA ASN C 175 1.40 -30.81 1.01
C ASN C 175 0.23 -30.08 1.66
N SER C 176 0.50 -28.87 2.16
CA SER C 176 -0.54 -28.06 2.79
C SER C 176 -0.50 -26.66 2.19
N ILE C 177 -1.63 -25.98 2.25
CA ILE C 177 -1.74 -24.63 1.71
C ILE C 177 -1.90 -23.63 2.85
N MET C 178 -0.93 -22.73 3.00
CA MET C 178 -1.01 -21.73 4.06
C MET C 178 -1.13 -20.34 3.46
N VAL C 179 -2.03 -19.54 4.01
CA VAL C 179 -2.25 -18.19 3.52
C VAL C 179 -2.25 -17.20 4.68
N SER C 180 -2.03 -15.92 4.36
CA SER C 180 -2.03 -14.88 5.37
C SER C 180 -3.48 -14.59 5.78
N ALA C 181 -3.65 -13.81 6.83
CA ALA C 181 -4.98 -13.45 7.32
C ALA C 181 -5.71 -12.62 6.27
N MET C 182 -4.97 -11.79 5.55
CA MET C 182 -5.54 -10.95 4.50
C MET C 182 -6.23 -11.82 3.46
N VAL C 183 -5.54 -12.87 3.03
CA VAL C 183 -6.08 -13.80 2.06
C VAL C 183 -7.29 -14.54 2.64
N ALA C 184 -7.15 -15.00 3.88
CA ALA C 184 -8.22 -15.73 4.55
C ALA C 184 -9.47 -14.89 4.71
N GLN C 185 -9.37 -13.61 4.34
CA GLN C 185 -10.50 -12.71 4.45
C GLN C 185 -11.57 -13.03 3.41
N TYR C 186 -11.22 -13.90 2.46
CA TYR C 186 -12.16 -14.28 1.40
C TYR C 186 -12.42 -15.79 1.38
N VAL C 187 -12.03 -16.49 2.44
CA VAL C 187 -12.23 -17.94 2.48
C VAL C 187 -13.31 -18.33 3.47
N PRO C 188 -14.20 -19.25 3.07
CA PRO C 188 -15.28 -19.72 3.95
C PRO C 188 -14.70 -20.31 5.23
N ASP C 189 -15.10 -19.78 6.38
CA ASP C 189 -14.62 -20.24 7.67
C ASP C 189 -14.52 -21.76 7.79
N GLU C 190 -15.31 -22.47 6.99
CA GLU C 190 -15.30 -23.94 7.01
C GLU C 190 -14.11 -24.52 6.27
N GLU C 191 -13.58 -23.78 5.29
CA GLU C 191 -12.44 -24.25 4.52
C GLU C 191 -11.12 -23.94 5.22
N ILE C 192 -11.20 -23.46 6.46
CA ILE C 192 -10.01 -23.14 7.23
C ILE C 192 -9.72 -24.30 8.18
N ILE C 193 -8.64 -25.02 7.90
CA ILE C 193 -8.26 -26.17 8.72
C ILE C 193 -7.59 -25.73 10.02
N LYS C 194 -6.84 -24.64 9.96
CA LYS C 194 -6.16 -24.14 11.14
C LYS C 194 -5.82 -22.65 11.10
N ARG C 195 -6.00 -21.99 12.24
CA ARG C 195 -5.71 -20.58 12.37
C ARG C 195 -4.55 -20.43 13.34
N GLU C 196 -3.43 -19.89 12.87
CA GLU C 196 -2.26 -19.75 13.72
C GLU C 196 -1.63 -18.36 13.70
N PHE C 197 -0.70 -18.15 14.63
CA PHE C 197 0.03 -16.90 14.76
C PHE C 197 1.49 -17.34 14.82
N LEU C 198 2.13 -17.44 13.66
CA LEU C 198 3.51 -17.91 13.59
C LEU C 198 4.56 -16.88 13.18
N GLU C 199 5.81 -17.23 13.45
CA GLU C 199 6.95 -16.40 13.10
C GLU C 199 7.36 -16.79 11.69
N LEU C 200 7.74 -15.81 10.90
CA LEU C 200 8.18 -16.04 9.54
C LEU C 200 9.56 -15.42 9.42
N LYS C 201 10.57 -16.25 9.21
CA LYS C 201 11.94 -15.76 9.11
C LYS C 201 12.02 -14.54 8.19
N GLY C 202 12.77 -13.53 8.61
CA GLY C 202 12.90 -12.34 7.80
C GLY C 202 11.83 -11.29 8.08
N ILE C 203 10.81 -11.69 8.84
CA ILE C 203 9.73 -10.77 9.18
C ILE C 203 9.79 -10.50 10.68
N ASP C 204 9.95 -9.24 11.05
CA ASP C 204 10.03 -8.88 12.47
C ASP C 204 8.80 -9.30 13.25
N GLU C 205 7.68 -8.65 12.96
CA GLU C 205 6.42 -8.93 13.65
C GLU C 205 5.87 -10.32 13.30
N PRO C 206 5.16 -10.96 14.24
CA PRO C 206 4.60 -12.29 14.00
C PRO C 206 3.47 -12.10 12.97
N VAL C 207 3.04 -13.20 12.34
CA VAL C 207 1.98 -13.09 11.34
C VAL C 207 0.81 -14.04 11.53
N MET C 208 -0.40 -13.49 11.44
CA MET C 208 -1.62 -14.27 11.57
C MET C 208 -1.82 -15.05 10.27
N THR C 209 -1.83 -16.38 10.36
CA THR C 209 -1.99 -17.22 9.17
C THR C 209 -3.10 -18.26 9.33
N CYS C 210 -3.51 -18.82 8.19
CA CYS C 210 -4.55 -19.85 8.18
C CYS C 210 -4.16 -20.97 7.21
N VAL C 211 -4.43 -22.21 7.60
CA VAL C 211 -4.14 -23.36 6.75
C VAL C 211 -5.43 -23.73 6.03
N ILE C 212 -5.38 -23.71 4.70
CA ILE C 212 -6.55 -23.99 3.88
C ILE C 212 -6.75 -25.48 3.57
N ASN C 213 -8.00 -25.87 3.45
CA ASN C 213 -8.36 -27.25 3.15
C ASN C 213 -8.02 -27.53 1.69
N PRO C 214 -7.22 -28.56 1.43
CA PRO C 214 -6.80 -28.95 0.07
C PRO C 214 -7.95 -29.33 -0.86
N ASN C 215 -9.17 -29.24 -0.34
CA ASN C 215 -10.39 -29.56 -1.10
C ASN C 215 -11.41 -28.48 -0.79
N MET C 216 -12.34 -28.23 -1.71
CA MET C 216 -13.37 -27.22 -1.49
C MET C 216 -14.60 -27.83 -0.83
N ARG D 22 18.83 -30.95 -23.94
CA ARG D 22 18.40 -31.52 -22.64
C ARG D 22 19.36 -31.17 -21.51
N PRO D 23 18.84 -30.95 -20.29
CA PRO D 23 19.66 -30.60 -19.14
C PRO D 23 20.78 -31.61 -18.92
N GLU D 24 22.00 -31.12 -18.78
CA GLU D 24 23.17 -31.98 -18.60
C GLU D 24 23.93 -31.61 -17.33
N PRO D 25 24.60 -32.58 -16.71
CA PRO D 25 25.37 -32.31 -15.49
C PRO D 25 26.76 -31.80 -15.91
N ARG D 26 27.23 -30.74 -15.25
CA ARG D 26 28.54 -30.18 -15.58
C ARG D 26 29.09 -29.33 -14.45
N LEU D 27 30.39 -29.11 -14.45
CA LEU D 27 31.05 -28.32 -13.42
C LEU D 27 30.93 -26.84 -13.75
N ILE D 28 30.30 -26.08 -12.87
CA ILE D 28 30.13 -24.65 -13.06
C ILE D 28 30.36 -23.92 -11.76
N THR D 29 30.31 -22.59 -11.84
CA THR D 29 30.51 -21.73 -10.67
C THR D 29 29.30 -20.81 -10.60
N ILE D 30 28.67 -20.77 -9.42
CA ILE D 30 27.50 -19.93 -9.22
C ILE D 30 27.79 -18.76 -8.29
N LEU D 31 27.38 -17.58 -8.70
CA LEU D 31 27.58 -16.37 -7.92
C LEU D 31 26.21 -15.82 -7.55
N PHE D 32 26.01 -15.54 -6.28
CA PHE D 32 24.74 -14.99 -5.80
C PHE D 32 24.99 -13.67 -5.09
N SER D 33 24.31 -12.63 -5.55
CA SER D 33 24.43 -11.32 -4.93
C SER D 33 23.04 -10.99 -4.39
N ASP D 34 22.98 -10.30 -3.26
CA ASP D 34 21.68 -9.97 -2.68
C ASP D 34 21.73 -8.74 -1.78
N ILE D 35 20.96 -7.71 -2.16
CA ILE D 35 20.92 -6.46 -1.41
C ILE D 35 20.39 -6.74 -0.01
N VAL D 36 21.12 -6.26 0.99
CA VAL D 36 20.72 -6.46 2.38
C VAL D 36 19.60 -5.53 2.81
N GLY D 37 18.59 -6.10 3.45
CA GLY D 37 17.45 -5.35 3.93
C GLY D 37 16.77 -4.46 2.91
N PHE D 38 16.46 -5.00 1.74
CA PHE D 38 15.80 -4.20 0.72
C PHE D 38 14.35 -3.95 1.08
N THR D 39 13.84 -4.72 2.04
CA THR D 39 12.45 -4.57 2.49
C THR D 39 12.37 -3.41 3.48
N ARG D 40 13.37 -3.29 4.34
CA ARG D 40 13.40 -2.23 5.33
C ARG D 40 13.37 -0.85 4.68
N MET D 41 14.21 -0.66 3.66
CA MET D 41 14.26 0.62 2.99
C MET D 41 13.15 0.72 1.95
N SER D 42 12.46 -0.39 1.71
CA SER D 42 11.37 -0.42 0.75
C SER D 42 10.30 0.58 1.20
N ASN D 43 10.30 0.86 2.49
CA ASN D 43 9.36 1.81 3.08
C ASN D 43 9.98 3.20 2.98
N ALA D 44 9.20 4.16 2.49
CA ALA D 44 9.65 5.53 2.34
C ALA D 44 10.67 5.64 1.21
N LEU D 45 10.28 5.11 0.06
CA LEU D 45 11.10 5.14 -1.15
C LEU D 45 10.10 4.92 -2.26
N GLN D 46 8.93 4.42 -1.86
CA GLN D 46 7.79 4.14 -2.72
C GLN D 46 8.04 3.59 -4.12
N SER D 47 6.94 3.46 -4.85
CA SER D 47 6.92 2.94 -6.21
C SER D 47 8.08 3.39 -7.10
N GLN D 48 8.21 4.70 -7.31
CA GLN D 48 9.27 5.22 -8.17
C GLN D 48 10.69 5.02 -7.63
N GLY D 49 10.89 5.31 -6.35
CA GLY D 49 12.21 5.13 -5.77
C GLY D 49 12.74 3.74 -6.01
N VAL D 50 12.00 2.75 -5.52
CA VAL D 50 12.38 1.35 -5.67
C VAL D 50 12.66 0.99 -7.13
N ALA D 51 11.80 1.45 -8.01
CA ALA D 51 11.94 1.16 -9.43
C ALA D 51 13.28 1.57 -10.01
N GLU D 52 13.63 2.84 -9.91
CA GLU D 52 14.90 3.31 -10.46
C GLU D 52 16.13 2.98 -9.64
N LEU D 53 15.99 2.87 -8.33
CA LEU D 53 17.14 2.53 -7.49
C LEU D 53 17.57 1.12 -7.89
N LEU D 54 16.60 0.24 -8.06
CA LEU D 54 16.85 -1.14 -8.45
C LEU D 54 17.35 -1.25 -9.87
N ASN D 55 16.69 -0.55 -10.80
CA ASN D 55 17.08 -0.60 -12.21
C ASN D 55 18.52 -0.14 -12.41
N GLU D 56 18.91 0.91 -11.70
CA GLU D 56 20.27 1.42 -11.81
C GLU D 56 21.23 0.39 -11.24
N TYR D 57 20.85 -0.15 -10.08
CA TYR D 57 21.65 -1.15 -9.39
C TYR D 57 21.80 -2.40 -10.25
N LEU D 58 20.68 -2.95 -10.70
CA LEU D 58 20.70 -4.15 -11.52
C LEU D 58 21.43 -3.90 -12.83
N GLY D 59 21.37 -2.66 -13.32
CA GLY D 59 22.04 -2.31 -14.55
C GLY D 59 23.55 -2.42 -14.38
N GLU D 60 24.06 -1.80 -13.33
CA GLU D 60 25.48 -1.80 -13.04
C GLU D 60 26.04 -3.18 -12.66
N MET D 61 25.23 -3.98 -11.98
CA MET D 61 25.66 -5.31 -11.56
C MET D 61 25.74 -6.26 -12.75
N THR D 62 24.72 -6.24 -13.60
CA THR D 62 24.69 -7.10 -14.78
C THR D 62 25.86 -6.72 -15.69
N ARG D 63 26.24 -5.45 -15.61
CA ARG D 63 27.34 -4.94 -16.41
C ARG D 63 28.64 -5.60 -15.95
N ALA D 64 28.79 -5.72 -14.63
CA ALA D 64 29.96 -6.36 -14.05
C ALA D 64 30.04 -7.82 -14.46
N VAL D 65 28.88 -8.47 -14.50
CA VAL D 65 28.81 -9.88 -14.89
C VAL D 65 29.16 -10.03 -16.37
N PHE D 66 28.52 -9.22 -17.20
CA PHE D 66 28.75 -9.26 -18.65
C PHE D 66 30.20 -8.97 -19.03
N GLU D 67 30.79 -7.96 -18.39
CA GLU D 67 32.17 -7.59 -18.68
C GLU D 67 33.17 -8.63 -18.21
N ASN D 68 32.68 -9.63 -17.48
CA ASN D 68 33.54 -10.69 -16.96
C ASN D 68 33.21 -12.04 -17.56
N GLN D 69 32.55 -12.02 -18.71
CA GLN D 69 32.17 -13.24 -19.43
C GLN D 69 31.13 -14.06 -18.69
N GLY D 70 30.45 -13.43 -17.74
CA GLY D 70 29.45 -14.15 -16.98
C GLY D 70 28.07 -14.13 -17.63
N THR D 71 27.18 -14.97 -17.12
CA THR D 71 25.81 -15.04 -17.63
C THR D 71 24.85 -14.76 -16.50
N VAL D 72 23.90 -13.87 -16.74
CA VAL D 72 22.91 -13.55 -15.71
C VAL D 72 21.80 -14.58 -15.83
N ASP D 73 21.79 -15.56 -14.92
CA ASP D 73 20.76 -16.59 -14.96
C ASP D 73 19.41 -15.92 -14.82
N LYS D 74 19.25 -15.11 -13.77
CA LYS D 74 18.01 -14.42 -13.52
C LYS D 74 18.14 -13.49 -12.33
N PHE D 75 17.07 -12.76 -12.06
CA PHE D 75 17.01 -11.85 -10.92
C PHE D 75 15.95 -12.47 -10.01
N VAL D 76 16.20 -12.42 -8.71
CA VAL D 76 15.26 -12.95 -7.74
C VAL D 76 14.96 -11.80 -6.78
N GLY D 77 14.09 -10.90 -7.19
CA GLY D 77 13.76 -9.75 -6.38
C GLY D 77 14.90 -8.76 -6.55
N ASP D 78 15.72 -8.61 -5.52
CA ASP D 78 16.86 -7.72 -5.57
C ASP D 78 18.13 -8.56 -5.59
N ALA D 79 17.96 -9.86 -5.85
CA ALA D 79 19.08 -10.78 -5.91
C ALA D 79 19.45 -11.11 -7.34
N ILE D 80 20.75 -11.31 -7.56
CA ILE D 80 21.26 -11.63 -8.88
C ILE D 80 21.91 -13.02 -8.86
N MET D 81 21.64 -13.80 -9.91
CA MET D 81 22.19 -15.13 -10.03
C MET D 81 23.02 -15.23 -11.31
N ALA D 82 24.33 -15.28 -11.17
CA ALA D 82 25.22 -15.37 -12.31
C ALA D 82 25.89 -16.74 -12.38
N LEU D 83 26.08 -17.23 -13.59
CA LEU D 83 26.71 -18.53 -13.81
C LEU D 83 27.95 -18.40 -14.68
N TYR D 84 28.99 -19.16 -14.34
CA TYR D 84 30.24 -19.14 -15.11
C TYR D 84 30.58 -20.57 -15.51
N GLY D 85 30.56 -20.82 -16.82
CA GLY D 85 30.87 -22.14 -17.32
C GLY D 85 29.68 -22.71 -18.08
N ALA D 86 28.64 -21.89 -18.24
CA ALA D 86 27.43 -22.30 -18.93
C ALA D 86 26.60 -21.07 -19.32
N PRO D 87 26.00 -21.09 -20.52
CA PRO D 87 26.08 -22.19 -21.48
C PRO D 87 27.47 -22.32 -22.12
N GLU D 88 28.21 -21.22 -22.14
CA GLU D 88 29.54 -21.19 -22.72
C GLU D 88 30.53 -22.02 -21.91
N GLU D 89 31.31 -22.84 -22.62
CA GLU D 89 32.32 -23.68 -21.99
C GLU D 89 33.37 -22.75 -21.39
N MET D 90 33.87 -23.08 -20.21
CA MET D 90 34.88 -22.26 -19.54
C MET D 90 35.69 -23.14 -18.60
N SER D 91 37.01 -22.99 -18.61
CA SER D 91 37.88 -23.79 -17.76
C SER D 91 37.59 -23.54 -16.28
N PRO D 92 37.84 -24.55 -15.44
CA PRO D 92 37.62 -24.51 -13.99
C PRO D 92 38.20 -23.28 -13.29
N SER D 93 39.45 -22.96 -13.61
CA SER D 93 40.10 -21.81 -12.99
C SER D 93 39.61 -20.48 -13.57
N GLU D 94 39.14 -20.49 -14.81
CA GLU D 94 38.63 -19.28 -15.43
C GLU D 94 37.29 -18.92 -14.80
N GLN D 95 36.49 -19.94 -14.53
CA GLN D 95 35.17 -19.76 -13.91
C GLN D 95 35.29 -18.99 -12.61
N VAL D 96 36.17 -19.45 -11.74
CA VAL D 96 36.36 -18.81 -10.45
C VAL D 96 36.98 -17.42 -10.56
N ARG D 97 38.01 -17.30 -11.39
CA ARG D 97 38.69 -16.02 -11.56
C ARG D 97 37.71 -14.92 -11.96
N ARG D 98 36.89 -15.19 -12.97
CA ARG D 98 35.93 -14.21 -13.45
C ARG D 98 34.80 -13.92 -12.47
N ALA D 99 34.35 -14.96 -11.77
CA ALA D 99 33.29 -14.79 -10.78
C ALA D 99 33.79 -13.90 -9.66
N ILE D 100 35.01 -14.17 -9.19
CA ILE D 100 35.60 -13.38 -8.11
C ILE D 100 35.84 -11.96 -8.60
N ALA D 101 36.23 -11.83 -9.86
CA ALA D 101 36.48 -10.52 -10.44
C ALA D 101 35.15 -9.77 -10.48
N THR D 102 34.09 -10.49 -10.82
CA THR D 102 32.75 -9.91 -10.89
C THR D 102 32.33 -9.36 -9.53
N ALA D 103 32.42 -10.19 -8.50
CA ALA D 103 32.04 -9.78 -7.14
C ALA D 103 32.80 -8.54 -6.72
N ARG D 104 34.11 -8.53 -6.98
CA ARG D 104 34.92 -7.37 -6.62
C ARG D 104 34.51 -6.13 -7.38
N GLN D 105 34.29 -6.27 -8.70
CA GLN D 105 33.88 -5.13 -9.50
C GLN D 105 32.50 -4.66 -9.07
N MET D 106 31.69 -5.58 -8.55
CA MET D 106 30.34 -5.23 -8.09
C MET D 106 30.41 -4.32 -6.87
N LEU D 107 31.36 -4.58 -5.97
CA LEU D 107 31.53 -3.76 -4.79
C LEU D 107 31.99 -2.37 -5.17
N VAL D 108 32.86 -2.29 -6.18
CA VAL D 108 33.35 -1.01 -6.66
C VAL D 108 32.17 -0.22 -7.23
N ALA D 109 31.38 -0.88 -8.07
CA ALA D 109 30.21 -0.27 -8.67
C ALA D 109 29.25 0.21 -7.60
N LEU D 110 29.15 -0.56 -6.52
CA LEU D 110 28.26 -0.21 -5.42
C LEU D 110 28.70 1.06 -4.71
N GLU D 111 30.00 1.33 -4.73
CA GLU D 111 30.54 2.51 -4.08
C GLU D 111 30.14 3.75 -4.88
N LYS D 112 30.25 3.67 -6.20
CA LYS D 112 29.91 4.79 -7.08
C LYS D 112 28.41 5.07 -7.04
N LEU D 113 27.62 4.01 -6.96
CA LEU D 113 26.17 4.16 -6.91
C LEU D 113 25.76 4.90 -5.65
N ASN D 114 26.22 4.41 -4.50
CA ASN D 114 25.90 5.05 -3.22
C ASN D 114 26.43 6.48 -3.22
N GLN D 115 27.60 6.67 -3.81
CA GLN D 115 28.21 7.99 -3.87
C GLN D 115 27.37 8.91 -4.74
N GLY D 116 26.69 8.32 -5.73
CA GLY D 116 25.85 9.09 -6.62
C GLY D 116 24.44 9.31 -6.09
N TRP D 117 24.16 8.76 -4.92
CA TRP D 117 22.84 8.90 -4.32
C TRP D 117 22.84 9.88 -3.16
N GLN D 118 23.94 10.61 -3.00
CA GLN D 118 24.05 11.60 -1.95
C GLN D 118 23.48 12.90 -2.49
N GLU D 119 23.77 13.18 -3.75
CA GLU D 119 23.27 14.37 -4.41
C GLU D 119 21.84 14.08 -4.84
N ARG D 120 21.51 12.80 -4.90
CA ARG D 120 20.17 12.37 -5.28
C ARG D 120 19.31 12.16 -4.04
N GLY D 121 19.90 12.39 -2.87
CA GLY D 121 19.17 12.26 -1.62
C GLY D 121 18.87 10.85 -1.12
N LEU D 122 18.14 10.08 -1.92
CA LEU D 122 17.74 8.71 -1.58
C LEU D 122 18.40 8.09 -0.35
N VAL D 123 19.70 7.83 -0.43
CA VAL D 123 20.43 7.22 0.68
C VAL D 123 20.92 8.25 1.69
N GLY D 124 21.00 7.85 2.96
CA GLY D 124 21.49 8.75 4.00
C GLY D 124 20.43 9.59 4.69
N GLU D 127 16.11 6.45 7.68
CA GLU D 127 15.96 5.03 7.96
C GLU D 127 16.06 4.19 6.68
N VAL D 128 17.03 4.55 5.84
CA VAL D 128 17.31 3.88 4.58
C VAL D 128 18.78 4.18 4.29
N PRO D 129 19.70 3.50 4.99
CA PRO D 129 21.14 3.73 4.81
C PRO D 129 21.66 3.33 3.42
N PRO D 130 22.96 3.52 3.18
CA PRO D 130 23.51 3.16 1.87
C PRO D 130 23.33 1.68 1.57
N VAL D 131 23.10 1.37 0.30
CA VAL D 131 22.90 0.00 -0.13
C VAL D 131 24.12 -0.87 0.08
N ARG D 132 23.89 -2.12 0.49
CA ARG D 132 24.95 -3.09 0.72
C ARG D 132 24.43 -4.45 0.26
N PHE D 133 25.32 -5.33 -0.17
CA PHE D 133 24.88 -6.63 -0.62
C PHE D 133 25.72 -7.79 -0.11
N ARG D 134 25.13 -8.97 -0.09
CA ARG D 134 25.81 -10.18 0.35
C ARG D 134 26.12 -10.98 -0.92
N CYS D 135 27.37 -11.45 -1.05
CA CYS D 135 27.76 -12.23 -2.23
C CYS D 135 28.28 -13.61 -1.86
N GLY D 136 27.75 -14.62 -2.54
CA GLY D 136 28.17 -15.99 -2.29
C GLY D 136 28.61 -16.64 -3.59
N ILE D 137 29.75 -17.33 -3.54
CA ILE D 137 30.26 -17.98 -4.74
C ILE D 137 30.61 -19.43 -4.47
N HIS D 138 30.30 -20.29 -5.44
CA HIS D 138 30.58 -21.72 -5.30
C HIS D 138 30.77 -22.40 -6.65
N GLN D 139 31.63 -23.41 -6.66
CA GLN D 139 31.88 -24.17 -7.87
C GLN D 139 31.53 -25.62 -7.59
N GLY D 140 30.86 -26.27 -8.53
CA GLY D 140 30.48 -27.65 -8.34
C GLY D 140 29.63 -28.18 -9.48
N MET D 141 29.26 -29.44 -9.39
CA MET D 141 28.44 -30.08 -10.41
C MET D 141 26.99 -29.61 -10.29
N ALA D 142 26.34 -29.46 -11.44
CA ALA D 142 24.95 -29.04 -11.48
C ALA D 142 24.35 -29.41 -12.82
N VAL D 143 23.04 -29.60 -12.85
CA VAL D 143 22.34 -29.94 -14.08
C VAL D 143 21.99 -28.63 -14.75
N VAL D 144 22.47 -28.44 -15.98
CA VAL D 144 22.22 -27.21 -16.71
C VAL D 144 21.45 -27.41 -18.01
N GLY D 145 20.59 -26.44 -18.33
CA GLY D 145 19.80 -26.54 -19.55
C GLY D 145 18.44 -25.88 -19.41
N LEU D 146 17.54 -26.20 -20.33
CA LEU D 146 16.20 -25.63 -20.32
C LEU D 146 15.24 -26.46 -19.47
N PHE D 147 14.75 -25.87 -18.40
CA PHE D 147 13.81 -26.54 -17.51
C PHE D 147 12.46 -25.85 -17.59
N GLY D 148 11.39 -26.62 -17.41
CA GLY D 148 10.06 -26.05 -17.47
C GLY D 148 9.13 -26.84 -18.37
N SER D 149 8.11 -26.15 -18.89
CA SER D 149 7.15 -26.78 -19.77
C SER D 149 7.46 -26.44 -21.21
N GLN D 150 6.90 -27.21 -22.14
CA GLN D 150 7.13 -26.96 -23.55
C GLN D 150 6.44 -25.64 -23.94
N GLU D 151 6.23 -24.80 -22.93
CA GLU D 151 5.61 -23.50 -23.09
C GLU D 151 6.56 -22.50 -22.43
N ARG D 152 6.53 -22.45 -21.11
CA ARG D 152 7.37 -21.56 -20.34
C ARG D 152 8.64 -22.28 -19.87
N SER D 153 9.76 -21.92 -20.48
CA SER D 153 11.04 -22.54 -20.15
C SER D 153 12.15 -21.49 -20.03
N ASP D 154 13.09 -21.72 -19.12
CA ASP D 154 14.20 -20.80 -18.90
C ASP D 154 15.50 -21.56 -18.68
N PHE D 155 16.61 -20.94 -19.10
CA PHE D 155 17.93 -21.55 -18.94
C PHE D 155 18.43 -21.31 -17.52
N THR D 156 18.72 -22.39 -16.80
CA THR D 156 19.19 -22.25 -15.43
C THR D 156 19.99 -23.47 -14.98
N ALA D 157 20.50 -23.42 -13.76
CA ALA D 157 21.27 -24.51 -13.18
C ALA D 157 20.52 -25.06 -11.97
N ILE D 158 20.58 -26.38 -11.79
CA ILE D 158 19.90 -27.01 -10.67
C ILE D 158 20.77 -28.05 -9.97
N GLY D 159 20.61 -28.14 -8.65
CA GLY D 159 21.39 -29.08 -7.88
C GLY D 159 21.89 -28.51 -6.57
N PRO D 160 22.40 -29.37 -5.67
CA PRO D 160 22.91 -28.96 -4.36
C PRO D 160 23.98 -27.86 -4.42
N SER D 161 24.77 -27.86 -5.50
CA SER D 161 25.82 -26.86 -5.67
C SER D 161 25.22 -25.46 -5.66
N VAL D 162 24.09 -25.30 -6.34
CA VAL D 162 23.41 -24.01 -6.41
C VAL D 162 22.93 -23.63 -5.02
N ASN D 163 22.33 -24.58 -4.32
CA ASN D 163 21.81 -24.35 -2.99
C ASN D 163 22.89 -23.83 -2.03
N ILE D 164 24.07 -24.44 -2.08
CA ILE D 164 25.18 -24.02 -1.22
C ILE D 164 25.59 -22.59 -1.51
N ALA D 165 25.60 -22.22 -2.77
CA ALA D 165 25.98 -20.87 -3.18
C ALA D 165 24.99 -19.86 -2.60
N ALA D 166 23.71 -20.18 -2.73
CA ALA D 166 22.66 -19.31 -2.22
C ALA D 166 22.75 -19.22 -0.70
N ARG D 167 22.95 -20.37 -0.06
CA ARG D 167 23.06 -20.42 1.39
C ARG D 167 24.33 -19.72 1.87
N LEU D 168 25.40 -19.80 1.08
CA LEU D 168 26.64 -19.14 1.43
C LEU D 168 26.39 -17.63 1.46
N GLN D 169 25.70 -17.16 0.43
CA GLN D 169 25.38 -15.74 0.31
C GLN D 169 24.54 -15.25 1.49
N GLU D 170 23.60 -16.07 1.93
CA GLU D 170 22.74 -15.71 3.04
C GLU D 170 23.47 -15.77 4.37
N ALA D 171 24.54 -16.55 4.43
CA ALA D 171 25.32 -16.71 5.65
C ALA D 171 26.47 -15.72 5.76
N THR D 172 26.75 -14.97 4.69
CA THR D 172 27.85 -14.02 4.70
C THR D 172 27.40 -12.65 5.22
N ALA D 173 28.35 -11.92 5.79
CA ALA D 173 28.08 -10.58 6.32
C ALA D 173 27.86 -9.60 5.18
N PRO D 174 27.16 -8.49 5.46
CA PRO D 174 26.93 -7.50 4.40
C PRO D 174 28.22 -6.92 3.83
N ASN D 175 28.22 -6.70 2.52
CA ASN D 175 29.38 -6.15 1.81
C ASN D 175 30.63 -7.02 1.87
N SER D 176 30.45 -8.33 1.92
CA SER D 176 31.57 -9.26 1.95
C SER D 176 31.34 -10.33 0.89
N ILE D 177 32.37 -11.14 0.65
CA ILE D 177 32.29 -12.19 -0.35
C ILE D 177 32.71 -13.52 0.27
N MET D 178 31.74 -14.40 0.49
CA MET D 178 32.03 -15.71 1.07
C MET D 178 31.95 -16.79 0.01
N VAL D 179 33.01 -17.58 -0.11
CA VAL D 179 33.05 -18.66 -1.09
C VAL D 179 33.39 -20.00 -0.43
N SER D 180 33.08 -21.08 -1.13
CA SER D 180 33.35 -22.42 -0.63
C SER D 180 34.84 -22.73 -0.78
N ALA D 181 35.27 -23.84 -0.19
CA ALA D 181 36.65 -24.27 -0.27
C ALA D 181 37.05 -24.48 -1.72
N MET D 182 36.14 -25.06 -2.51
CA MET D 182 36.41 -25.32 -3.93
C MET D 182 36.77 -24.02 -4.65
N VAL D 183 36.21 -22.91 -4.19
CA VAL D 183 36.48 -21.61 -4.81
C VAL D 183 37.79 -21.03 -4.29
N ALA D 184 37.92 -20.98 -2.97
CA ALA D 184 39.10 -20.44 -2.32
C ALA D 184 40.40 -21.08 -2.82
N GLN D 185 40.31 -22.33 -3.27
CA GLN D 185 41.49 -23.04 -3.75
C GLN D 185 42.18 -22.33 -4.92
N TYR D 186 41.47 -21.41 -5.57
CA TYR D 186 42.04 -20.66 -6.69
C TYR D 186 42.49 -19.28 -6.23
N VAL D 187 42.27 -18.98 -4.96
CA VAL D 187 42.63 -17.68 -4.40
C VAL D 187 43.92 -17.72 -3.61
N PRO D 188 44.80 -16.72 -3.82
CA PRO D 188 46.06 -16.71 -3.07
C PRO D 188 45.69 -16.62 -1.58
N ASP D 189 46.34 -17.41 -0.75
CA ASP D 189 46.06 -17.39 0.69
C ASP D 189 46.15 -15.94 1.17
N GLU D 190 46.92 -15.15 0.44
CA GLU D 190 47.12 -13.74 0.72
C GLU D 190 45.81 -12.95 0.72
N GLU D 191 44.88 -13.35 -0.15
CA GLU D 191 43.59 -12.67 -0.25
C GLU D 191 42.48 -13.35 0.53
N ILE D 192 42.82 -14.38 1.30
CA ILE D 192 41.83 -15.09 2.10
C ILE D 192 41.75 -14.40 3.45
N ILE D 193 40.70 -13.63 3.67
CA ILE D 193 40.51 -12.92 4.92
C ILE D 193 40.22 -13.82 6.11
N LYS D 194 39.37 -14.82 5.92
CA LYS D 194 39.04 -15.72 7.01
C LYS D 194 38.63 -17.13 6.60
N ARG D 195 39.10 -18.11 7.37
CA ARG D 195 38.79 -19.51 7.13
C ARG D 195 37.96 -20.04 8.30
N GLU D 196 36.78 -20.57 7.98
CA GLU D 196 35.90 -21.09 9.02
C GLU D 196 34.92 -22.14 8.49
N PHE D 197 34.73 -23.20 9.27
CA PHE D 197 33.79 -24.26 8.91
C PHE D 197 32.41 -23.75 9.30
N LEU D 198 31.41 -24.01 8.48
CA LEU D 198 30.06 -23.53 8.77
C LEU D 198 28.94 -24.50 8.42
N GLU D 199 27.85 -24.39 9.16
CA GLU D 199 26.67 -25.22 8.92
C GLU D 199 25.66 -24.29 8.26
N LEU D 200 25.20 -24.68 7.08
CA LEU D 200 24.22 -23.88 6.36
C LEU D 200 22.88 -24.59 6.47
N LYS D 201 21.78 -23.86 6.28
CA LYS D 201 20.47 -24.48 6.37
C LYS D 201 20.19 -25.20 5.06
N GLY D 202 19.59 -26.38 5.15
CA GLY D 202 19.29 -27.16 3.97
C GLY D 202 20.48 -28.02 3.60
N ILE D 203 21.58 -27.84 4.31
CA ILE D 203 22.79 -28.61 4.07
C ILE D 203 23.20 -29.28 5.37
N ASP D 204 23.34 -30.60 5.35
CA ASP D 204 23.72 -31.35 6.53
C ASP D 204 25.18 -31.15 6.88
N GLU D 205 26.05 -31.94 6.24
CA GLU D 205 27.48 -31.86 6.48
C GLU D 205 27.98 -30.42 6.43
N PRO D 206 28.83 -30.03 7.39
CA PRO D 206 29.39 -28.67 7.43
C PRO D 206 30.00 -28.29 6.09
N VAL D 207 30.40 -27.03 5.95
CA VAL D 207 31.00 -26.55 4.72
C VAL D 207 32.20 -25.65 4.98
N MET D 208 33.31 -25.97 4.32
CA MET D 208 34.53 -25.18 4.47
C MET D 208 34.31 -23.89 3.69
N THR D 209 34.13 -22.78 4.41
CA THR D 209 33.90 -21.48 3.78
C THR D 209 35.07 -20.53 3.95
N CYS D 210 35.15 -19.54 3.06
CA CYS D 210 36.23 -18.55 3.12
C CYS D 210 35.76 -17.17 2.67
N VAL D 211 36.02 -16.17 3.51
CA VAL D 211 35.67 -14.80 3.18
C VAL D 211 36.90 -14.28 2.44
N ILE D 212 36.72 -13.81 1.21
CA ILE D 212 37.84 -13.32 0.43
C ILE D 212 37.97 -11.81 0.40
N ASN D 213 39.19 -11.34 0.22
CA ASN D 213 39.47 -9.91 0.18
C ASN D 213 38.80 -9.27 -1.03
N PRO D 214 38.11 -8.13 -0.82
CA PRO D 214 37.42 -7.41 -1.89
C PRO D 214 38.35 -6.82 -2.95
N ASN D 215 39.65 -6.95 -2.72
CA ASN D 215 40.65 -6.46 -3.66
C ASN D 215 41.65 -7.53 -4.05
N MET D 216 42.24 -7.35 -5.23
CA MET D 216 43.23 -8.30 -5.75
C MET D 216 44.65 -7.90 -5.34
#